data_2J0V
#
_entry.id   2J0V
#
_cell.length_a   76.760
_cell.length_b   30.200
_cell.length_c   139.360
_cell.angle_alpha   90.00
_cell.angle_beta   100.06
_cell.angle_gamma   90.00
#
_symmetry.space_group_name_H-M   'P 1 2 1'
#
loop_
_entity.id
_entity.type
_entity.pdbx_description
1 polymer 'RAC-LIKE GTP-BINDING PROTEIN ARAC7'
2 non-polymer "GUANOSINE-5'-DIPHOSPHATE"
3 non-polymer 'MAGNESIUM ION'
4 water water
#
_entity_poly.entity_id   1
_entity_poly.type   'polypeptide(L)'
_entity_poly.pdbx_seq_one_letter_code
;GSHMSVSKFIKCVTVGDGAVGKTCMLICYTSNKFPTDYIPTVFDNFSANVAVDGQIVNLGLWDTAGQEDYSRLRPLSYRG
ADIFVLAFSLISKASYENVLKKWMPELRRFAPNVPIVLVGTKLDLRDDKGYLADHTNVITSTQGEELRKQIGAAAYIECS
SKTQQNVKAVFDTAIKVVLQPPRRKEVPRRRKNHRRSGCSIASIVCGGCTAA
;
_entity_poly.pdbx_strand_id   A,B,C,D
#
loop_
_chem_comp.id
_chem_comp.type
_chem_comp.name
_chem_comp.formula
GDP RNA linking GUANOSINE-5'-DIPHOSPHATE 'C10 H15 N5 O11 P2'
MG non-polymer 'MAGNESIUM ION' 'Mg 2'
#
# COMPACT_ATOMS: atom_id res chain seq x y z
N SER A 2 -54.85 -28.96 30.72
CA SER A 2 -53.75 -29.90 30.34
C SER A 2 -52.71 -30.07 31.46
N HIS A 3 -51.72 -30.92 31.18
CA HIS A 3 -50.68 -31.23 32.13
C HIS A 3 -49.32 -30.82 31.59
N MET A 4 -49.34 -29.98 30.56
CA MET A 4 -48.13 -29.62 29.82
C MET A 4 -48.42 -28.38 28.98
N SER A 5 -48.07 -27.20 29.52
CA SER A 5 -48.28 -25.93 28.81
C SER A 5 -47.29 -25.71 27.64
N VAL A 6 -46.15 -26.41 27.66
CA VAL A 6 -45.12 -26.33 26.60
C VAL A 6 -45.10 -27.67 25.85
N SER A 7 -45.47 -27.69 24.58
CA SER A 7 -45.56 -28.98 23.85
C SER A 7 -44.58 -29.19 22.66
N LYS A 8 -43.71 -28.20 22.43
CA LYS A 8 -42.75 -28.23 21.34
C LYS A 8 -41.34 -28.20 21.94
N PHE A 9 -40.54 -29.20 21.57
CA PHE A 9 -39.12 -29.26 21.87
C PHE A 9 -38.39 -28.95 20.57
N ILE A 10 -37.33 -28.15 20.68
CA ILE A 10 -36.53 -27.77 19.52
C ILE A 10 -35.08 -28.02 19.89
N LYS A 11 -34.44 -28.93 19.17
CA LYS A 11 -33.02 -29.22 19.31
C LYS A 11 -32.25 -28.35 18.33
N CYS A 12 -31.41 -27.49 18.89
CA CYS A 12 -30.67 -26.50 18.12
C CYS A 12 -29.21 -26.85 18.32
N VAL A 13 -28.56 -27.23 17.25
CA VAL A 13 -27.12 -27.63 17.35
C VAL A 13 -26.21 -26.54 16.74
N THR A 14 -25.20 -26.09 17.52
CA THR A 14 -24.27 -25.06 17.05
C THR A 14 -22.96 -25.72 16.54
N VAL A 15 -22.62 -25.42 15.29
CA VAL A 15 -21.46 -26.01 14.59
C VAL A 15 -20.64 -24.88 13.85
N GLY A 16 -19.41 -25.19 13.48
CA GLY A 16 -18.53 -24.22 12.78
C GLY A 16 -17.15 -24.44 13.35
N ASP A 17 -16.15 -23.88 12.66
CA ASP A 17 -14.75 -24.05 13.02
C ASP A 17 -14.40 -23.74 14.48
N GLY A 18 -13.39 -24.44 15.03
CA GLY A 18 -12.87 -24.10 16.36
C GLY A 18 -12.47 -22.64 16.43
N ALA A 19 -12.74 -22.04 17.58
CA ALA A 19 -12.36 -20.67 18.00
C ALA A 19 -13.14 -19.54 17.37
N VAL A 20 -14.14 -19.85 16.56
CA VAL A 20 -15.01 -18.78 16.02
C VAL A 20 -15.92 -18.11 17.08
N GLY A 21 -16.26 -18.82 18.17
CA GLY A 21 -17.01 -18.20 19.24
C GLY A 21 -18.34 -18.88 19.56
N LYS A 22 -18.43 -20.16 19.15
CA LYS A 22 -19.65 -20.93 19.36
C LYS A 22 -20.01 -20.96 20.84
N THR A 23 -19.04 -21.30 21.71
CA THR A 23 -19.33 -21.54 23.11
C THR A 23 -19.71 -20.24 23.78
N CYS A 24 -18.97 -19.17 23.51
CA CYS A 24 -19.32 -17.88 24.06
C CYS A 24 -20.73 -17.40 23.64
N MET A 25 -21.13 -17.64 22.39
CA MET A 25 -22.51 -17.30 21.96
C MET A 25 -23.53 -17.95 22.91
N LEU A 26 -23.29 -19.22 23.22
CA LEU A 26 -24.24 -19.96 24.04
C LEU A 26 -24.22 -19.48 25.48
N ILE A 27 -23.03 -19.19 26.01
CA ILE A 27 -22.92 -18.61 27.35
C ILE A 27 -23.57 -17.23 27.36
N CYS A 28 -23.30 -16.43 26.33
CA CYS A 28 -23.95 -15.10 26.25
C CYS A 28 -25.48 -15.19 26.21
N TYR A 29 -26.01 -16.02 25.33
CA TYR A 29 -27.46 -16.15 25.21
C TYR A 29 -28.10 -16.57 26.54
N THR A 30 -27.52 -17.58 27.17
CA THR A 30 -28.13 -18.22 28.35
C THR A 30 -27.86 -17.46 29.62
N SER A 31 -26.74 -16.75 29.71
CA SER A 31 -26.36 -16.09 30.98
C SER A 31 -26.33 -14.55 30.94
N ASN A 32 -26.41 -13.98 29.75
CA ASN A 32 -26.35 -12.51 29.58
C ASN A 32 -24.98 -11.97 29.98
N LYS A 33 -23.98 -12.84 29.95
CA LYS A 33 -22.63 -12.49 30.35
C LYS A 33 -21.60 -13.02 29.37
N PHE A 34 -20.55 -12.26 29.11
CA PHE A 34 -19.47 -12.76 28.29
C PHE A 34 -18.38 -13.29 29.22
N PRO A 35 -17.95 -14.57 29.02
CA PRO A 35 -16.94 -15.10 29.94
C PRO A 35 -15.60 -14.40 29.74
N THR A 36 -14.96 -14.05 30.85
CA THR A 36 -13.70 -13.30 30.78
C THR A 36 -12.48 -14.13 31.17
N ASP A 37 -12.70 -15.17 31.97
CA ASP A 37 -11.61 -16.09 32.28
C ASP A 37 -11.74 -17.43 31.55
N TYR A 38 -12.19 -18.44 32.28
CA TYR A 38 -12.30 -19.79 31.79
C TYR A 38 -13.43 -19.92 30.78
N ILE A 39 -13.14 -20.50 29.65
CA ILE A 39 -14.20 -20.85 28.70
C ILE A 39 -14.06 -22.33 28.38
N PRO A 40 -15.11 -23.14 28.61
CA PRO A 40 -15.01 -24.58 28.31
C PRO A 40 -14.96 -24.80 26.81
N THR A 41 -14.35 -25.91 26.39
CA THR A 41 -14.43 -26.41 25.03
C THR A 41 -15.88 -26.45 24.50
N VAL A 42 -16.77 -27.07 25.27
CA VAL A 42 -18.16 -27.23 24.90
C VAL A 42 -19.01 -26.74 26.08
N PHE A 43 -20.02 -25.92 25.76
CA PHE A 43 -21.02 -25.54 26.71
C PHE A 43 -21.74 -26.82 27.17
N ASP A 44 -22.14 -26.86 28.44
CA ASP A 44 -23.03 -27.95 28.94
C ASP A 44 -24.25 -28.13 28.01
N ASN A 45 -24.68 -29.38 27.79
CA ASN A 45 -25.99 -29.57 27.19
C ASN A 45 -26.98 -28.82 28.09
N PHE A 46 -27.82 -27.99 27.49
CA PHE A 46 -28.60 -27.03 28.24
C PHE A 46 -29.98 -27.10 27.62
N SER A 47 -31.01 -27.06 28.45
CA SER A 47 -32.36 -27.02 27.92
C SER A 47 -33.19 -26.11 28.81
N ALA A 48 -34.06 -25.29 28.20
CA ALA A 48 -34.87 -24.32 28.97
C ALA A 48 -36.08 -23.85 28.15
N ASN A 49 -37.14 -23.48 28.84
CA ASN A 49 -38.32 -22.90 28.19
C ASN A 49 -37.91 -21.50 27.76
N VAL A 50 -38.31 -21.13 26.55
CA VAL A 50 -38.06 -19.76 26.08
C VAL A 50 -39.30 -19.23 25.36
N ALA A 51 -39.60 -17.95 25.55
CA ALA A 51 -40.80 -17.39 24.95
C ALA A 51 -40.43 -16.78 23.59
N VAL A 52 -41.13 -17.16 22.53
CA VAL A 52 -40.79 -16.58 21.23
C VAL A 52 -41.88 -15.77 20.67
N ASP A 53 -42.96 -16.33 20.20
CA ASP A 53 -43.93 -15.31 19.76
C ASP A 53 -45.28 -15.30 20.44
N GLY A 54 -46.16 -16.19 20.02
CA GLY A 54 -47.32 -16.42 20.85
C GLY A 54 -46.98 -17.55 21.82
N GLN A 55 -45.73 -18.02 21.80
CA GLN A 55 -45.44 -19.34 22.33
C GLN A 55 -44.28 -19.46 23.34
N ILE A 56 -44.35 -20.52 24.12
CA ILE A 56 -43.25 -20.96 24.94
C ILE A 56 -42.85 -22.31 24.40
N VAL A 57 -41.58 -22.44 24.08
CA VAL A 57 -41.06 -23.68 23.56
C VAL A 57 -39.94 -24.20 24.45
N ASN A 58 -39.66 -25.51 24.36
CA ASN A 58 -38.57 -26.11 25.13
C ASN A 58 -37.34 -26.18 24.22
N LEU A 59 -36.38 -25.26 24.41
CA LEU A 59 -35.20 -25.21 23.55
C LEU A 59 -34.07 -26.07 24.13
N GLY A 60 -33.54 -26.99 23.33
CA GLY A 60 -32.34 -27.75 23.71
C GLY A 60 -31.14 -27.29 22.90
N LEU A 61 -30.10 -26.81 23.59
CA LEU A 61 -28.89 -26.30 22.93
C LEU A 61 -27.77 -27.32 23.03
N TRP A 62 -27.22 -27.71 21.87
CA TRP A 62 -26.10 -28.62 21.81
C TRP A 62 -24.89 -27.89 21.24
N ASP A 63 -23.83 -27.78 22.02
CA ASP A 63 -22.55 -27.24 21.53
C ASP A 63 -21.70 -28.37 20.94
N THR A 64 -20.74 -28.03 20.09
CA THR A 64 -19.91 -29.04 19.41
C THR A 64 -18.41 -28.67 19.46
N ALA A 65 -17.53 -29.64 19.26
CA ALA A 65 -16.10 -29.36 19.03
C ALA A 65 -15.53 -30.31 17.98
N GLY A 66 -14.64 -29.81 17.13
CA GLY A 66 -14.04 -30.62 16.06
C GLY A 66 -13.41 -31.92 16.56
N GLN A 67 -13.45 -32.96 15.74
CA GLN A 67 -12.65 -34.15 16.02
C GLN A 67 -12.02 -34.55 14.71
N GLU A 68 -10.80 -35.08 14.77
CA GLU A 68 -10.23 -35.80 13.65
C GLU A 68 -10.98 -37.13 13.67
N ASP A 69 -11.98 -37.27 12.81
CA ASP A 69 -12.76 -38.51 12.74
C ASP A 69 -13.10 -38.84 11.28
N TYR A 70 -12.44 -39.88 10.75
CA TYR A 70 -12.55 -40.26 9.34
C TYR A 70 -13.50 -41.44 9.11
N SER A 71 -14.31 -41.75 10.12
CA SER A 71 -15.33 -42.79 10.04
C SER A 71 -16.42 -42.41 9.04
N ARG A 72 -16.56 -41.09 8.81
CA ARG A 72 -17.61 -40.49 7.99
C ARG A 72 -18.97 -40.69 8.66
N PRO A 75 -21.91 -37.44 13.46
CA PRO A 75 -21.77 -37.14 14.87
C PRO A 75 -23.07 -37.35 15.63
N LEU A 76 -22.99 -38.03 16.78
CA LEU A 76 -24.18 -38.29 17.60
C LEU A 76 -24.92 -36.99 17.91
N SER A 77 -24.16 -35.90 18.09
CA SER A 77 -24.74 -34.63 18.49
C SER A 77 -25.79 -34.12 17.50
N TYR A 78 -25.66 -34.52 16.23
CA TYR A 78 -26.58 -34.09 15.13
C TYR A 78 -27.92 -34.84 15.12
N ARG A 79 -27.95 -36.01 15.74
CA ARG A 79 -29.15 -36.81 15.72
C ARG A 79 -30.31 -36.07 16.36
N GLY A 80 -31.43 -35.92 15.64
CA GLY A 80 -32.61 -35.30 16.22
C GLY A 80 -32.61 -33.77 16.11
N ALA A 81 -31.61 -33.21 15.41
CA ALA A 81 -31.50 -31.76 15.22
C ALA A 81 -32.69 -31.22 14.43
N ASP A 82 -33.34 -30.17 14.94
CA ASP A 82 -34.38 -29.45 14.22
C ASP A 82 -33.80 -28.28 13.41
N ILE A 83 -32.64 -27.76 13.84
CA ILE A 83 -32.04 -26.60 13.18
C ILE A 83 -30.57 -26.51 13.58
N PHE A 84 -29.71 -26.12 12.64
CA PHE A 84 -28.32 -25.81 12.97
C PHE A 84 -28.05 -24.30 12.98
N VAL A 85 -27.22 -23.87 13.94
CA VAL A 85 -26.59 -22.54 13.90
C VAL A 85 -25.17 -22.83 13.41
N LEU A 86 -24.89 -22.36 12.21
CA LEU A 86 -23.62 -22.60 11.55
C LEU A 86 -22.85 -21.28 11.65
N ALA A 87 -21.84 -21.28 12.52
CA ALA A 87 -20.99 -20.11 12.83
C ALA A 87 -19.63 -20.07 12.06
N PHE A 88 -19.28 -18.86 11.62
CA PHE A 88 -17.94 -18.56 11.17
C PHE A 88 -17.56 -17.19 11.75
N SER A 89 -16.26 -16.93 11.85
CA SER A 89 -15.82 -15.64 12.37
C SER A 89 -15.70 -14.59 11.27
N LEU A 90 -16.23 -13.40 11.54
CA LEU A 90 -16.23 -12.29 10.60
C LEU A 90 -14.83 -11.76 10.28
N ILE A 91 -13.85 -12.22 11.04
CA ILE A 91 -12.46 -11.81 10.84
C ILE A 91 -11.55 -12.99 10.41
N SER A 92 -12.16 -14.17 10.19
CA SER A 92 -11.44 -15.35 9.63
C SER A 92 -11.98 -15.78 8.25
N LYS A 93 -11.29 -15.38 7.18
CA LYS A 93 -11.53 -15.94 5.84
C LYS A 93 -11.51 -17.47 5.76
N ALA A 94 -10.58 -18.12 6.48
CA ALA A 94 -10.52 -19.57 6.47
C ALA A 94 -11.84 -20.16 7.01
N SER A 95 -12.33 -19.62 8.11
CA SER A 95 -13.61 -20.09 8.67
C SER A 95 -14.79 -19.90 7.73
N TYR A 96 -14.82 -18.79 7.00
CA TYR A 96 -15.83 -18.52 5.94
C TYR A 96 -15.73 -19.56 4.81
N GLU A 97 -14.52 -19.73 4.28
CA GLU A 97 -14.26 -20.74 3.25
C GLU A 97 -14.61 -22.15 3.76
N ASN A 98 -14.37 -22.44 5.05
CA ASN A 98 -14.70 -23.77 5.57
C ASN A 98 -16.17 -24.06 5.66
N VAL A 99 -16.99 -23.02 5.62
CA VAL A 99 -18.44 -23.22 5.57
C VAL A 99 -18.77 -23.96 4.27
N LEU A 100 -18.13 -23.52 3.18
CA LEU A 100 -18.28 -24.14 1.87
C LEU A 100 -17.59 -25.48 1.76
N LYS A 101 -16.34 -25.56 2.23
CA LYS A 101 -15.47 -26.74 2.02
C LYS A 101 -15.70 -27.91 2.97
N LYS A 102 -16.16 -27.64 4.19
CA LYS A 102 -16.18 -28.60 5.30
C LYS A 102 -17.64 -28.75 5.75
N TRP A 103 -18.23 -27.64 6.19
CA TRP A 103 -19.50 -27.71 6.95
C TRP A 103 -20.72 -28.01 6.08
N MET A 104 -20.85 -27.35 4.94
CA MET A 104 -21.97 -27.63 4.03
C MET A 104 -21.99 -29.04 3.48
N PRO A 105 -20.82 -29.55 3.01
CA PRO A 105 -20.71 -30.97 2.71
C PRO A 105 -21.11 -31.89 3.88
N GLU A 106 -20.67 -31.55 5.09
CA GLU A 106 -20.94 -32.39 6.23
C GLU A 106 -22.43 -32.45 6.50
N LEU A 107 -23.08 -31.28 6.45
CA LEU A 107 -24.50 -31.19 6.80
C LEU A 107 -25.41 -31.77 5.73
N ARG A 108 -24.98 -31.69 4.47
CA ARG A 108 -25.70 -32.29 3.33
C ARG A 108 -25.70 -33.81 3.46
N ARG A 109 -24.57 -34.38 3.85
CA ARG A 109 -24.39 -35.82 4.08
C ARG A 109 -25.17 -36.31 5.30
N PHE A 110 -25.03 -35.60 6.42
CA PHE A 110 -25.56 -36.06 7.73
C PHE A 110 -26.95 -35.51 8.15
N ALA A 111 -27.37 -34.38 7.59
CA ALA A 111 -28.63 -33.72 7.99
C ALA A 111 -29.25 -32.97 6.81
N PRO A 112 -29.52 -33.70 5.69
CA PRO A 112 -29.96 -33.09 4.44
C PRO A 112 -31.15 -32.15 4.55
N ASN A 113 -32.13 -32.45 5.37
CA ASN A 113 -33.33 -31.59 5.35
C ASN A 113 -33.46 -30.58 6.49
N VAL A 114 -32.39 -30.43 7.26
CA VAL A 114 -32.43 -29.58 8.43
C VAL A 114 -32.03 -28.13 8.10
N PRO A 115 -32.86 -27.13 8.46
CA PRO A 115 -32.50 -25.77 8.07
C PRO A 115 -31.28 -25.27 8.86
N ILE A 116 -30.73 -24.16 8.37
CA ILE A 116 -29.51 -23.57 8.94
C ILE A 116 -29.68 -22.08 9.16
N VAL A 117 -29.23 -21.58 10.32
CA VAL A 117 -29.09 -20.14 10.52
C VAL A 117 -27.58 -19.88 10.45
N LEU A 118 -27.13 -19.10 9.45
CA LEU A 118 -25.72 -18.77 9.25
C LEU A 118 -25.40 -17.58 10.14
N VAL A 119 -24.33 -17.69 10.92
CA VAL A 119 -23.97 -16.66 11.89
C VAL A 119 -22.52 -16.21 11.71
N GLY A 120 -22.33 -14.90 11.51
CA GLY A 120 -20.99 -14.30 11.53
C GLY A 120 -20.73 -13.80 12.91
N THR A 121 -19.66 -14.30 13.56
CA THR A 121 -19.41 -13.94 14.94
C THR A 121 -18.36 -12.81 15.02
N LYS A 122 -18.13 -12.31 16.22
CA LYS A 122 -17.04 -11.32 16.48
C LYS A 122 -17.28 -10.02 15.71
N LEU A 123 -18.54 -9.62 15.67
CA LEU A 123 -18.94 -8.38 14.99
C LEU A 123 -18.19 -7.18 15.55
N ASP A 124 -17.90 -7.20 16.85
CA ASP A 124 -17.18 -6.09 17.55
C ASP A 124 -15.80 -5.86 16.93
N LEU A 125 -15.24 -6.92 16.38
CA LEU A 125 -13.92 -6.86 15.70
C LEU A 125 -14.06 -6.41 14.25
N ARG A 126 -14.94 -7.08 13.46
CA ARG A 126 -15.17 -6.71 12.07
C ARG A 126 -15.57 -5.23 11.91
N ASP A 127 -16.43 -4.74 12.80
CA ASP A 127 -16.93 -3.34 12.74
C ASP A 127 -15.94 -2.34 13.37
N ASP A 128 -14.86 -2.82 13.99
CA ASP A 128 -13.91 -1.88 14.58
C ASP A 128 -13.20 -1.08 13.47
N LYS A 129 -13.22 0.25 13.55
CA LYS A 129 -12.67 1.07 12.43
C LYS A 129 -11.16 0.89 12.27
N GLY A 130 -10.47 0.74 13.41
CA GLY A 130 -9.04 0.33 13.44
C GLY A 130 -8.75 -0.95 12.66
N TYR A 131 -9.52 -2.01 12.91
CA TYR A 131 -9.41 -3.25 12.15
C TYR A 131 -9.64 -3.00 10.67
N LEU A 132 -10.73 -2.31 10.36
CA LEU A 132 -11.12 -2.02 8.98
C LEU A 132 -10.06 -1.27 8.22
N ALA A 133 -9.47 -0.29 8.88
CA ALA A 133 -8.41 0.52 8.30
C ALA A 133 -7.14 -0.27 7.88
N ASP A 134 -6.89 -1.44 8.49
CA ASP A 134 -5.67 -2.18 8.23
C ASP A 134 -5.84 -3.41 7.36
N HIS A 135 -7.08 -3.67 6.92
CA HIS A 135 -7.39 -4.86 6.13
C HIS A 135 -8.04 -4.54 4.81
N THR A 136 -7.56 -5.24 3.78
CA THR A 136 -7.81 -4.85 2.41
C THR A 136 -9.03 -5.55 1.84
N ASN A 137 -9.44 -6.64 2.49
CA ASN A 137 -10.40 -7.60 1.93
C ASN A 137 -11.38 -8.19 2.97
N VAL A 138 -12.02 -7.28 3.72
CA VAL A 138 -12.91 -7.60 4.84
C VAL A 138 -14.18 -8.40 4.49
N ILE A 139 -14.51 -9.37 5.36
CA ILE A 139 -15.84 -10.02 5.30
C ILE A 139 -16.97 -9.04 5.69
N THR A 140 -17.61 -8.48 4.67
CA THR A 140 -18.69 -7.52 4.79
C THR A 140 -19.99 -8.28 5.00
N SER A 141 -21.02 -7.56 5.40
CA SER A 141 -22.36 -8.13 5.52
C SER A 141 -22.78 -8.69 4.17
N THR A 142 -22.40 -8.01 3.08
CA THR A 142 -22.65 -8.47 1.72
C THR A 142 -22.08 -9.86 1.35
N GLN A 143 -20.81 -10.10 1.68
CA GLN A 143 -20.15 -11.39 1.54
C GLN A 143 -20.82 -12.45 2.42
N GLY A 144 -21.24 -12.03 3.62
CA GLY A 144 -21.97 -12.92 4.57
C GLY A 144 -23.31 -13.29 3.99
N GLU A 145 -24.04 -12.32 3.46
CA GLU A 145 -25.28 -12.65 2.78
C GLU A 145 -25.07 -13.52 1.52
N GLU A 146 -24.00 -13.30 0.75
CA GLU A 146 -23.69 -14.12 -0.44
C GLU A 146 -23.47 -15.59 -0.03
N LEU A 147 -22.80 -15.80 1.11
CA LEU A 147 -22.58 -17.15 1.63
C LEU A 147 -23.92 -17.81 1.99
N ARG A 148 -24.76 -17.08 2.72
CA ARG A 148 -26.08 -17.58 3.07
C ARG A 148 -26.81 -18.08 1.83
N LYS A 149 -26.74 -17.30 0.77
CA LYS A 149 -27.44 -17.65 -0.46
C LYS A 149 -26.87 -18.94 -1.05
N GLN A 150 -25.54 -19.02 -1.12
CA GLN A 150 -24.87 -20.17 -1.74
C GLN A 150 -25.17 -21.47 -1.03
N ILE A 151 -25.29 -21.42 0.30
CA ILE A 151 -25.51 -22.64 1.08
C ILE A 151 -26.99 -22.96 1.35
N GLY A 152 -27.88 -22.05 0.94
CA GLY A 152 -29.31 -22.25 1.16
C GLY A 152 -29.76 -22.03 2.60
N ALA A 153 -29.03 -21.21 3.35
CA ALA A 153 -29.41 -21.03 4.77
C ALA A 153 -30.67 -20.16 4.89
N ALA A 154 -31.42 -20.35 5.97
CA ALA A 154 -32.70 -19.66 6.19
C ALA A 154 -32.55 -18.16 6.50
N ALA A 155 -31.43 -17.83 7.15
CA ALA A 155 -31.16 -16.47 7.63
C ALA A 155 -29.66 -16.28 7.81
N TYR A 156 -29.24 -15.01 7.83
CA TYR A 156 -27.85 -14.68 8.15
C TYR A 156 -27.90 -13.69 9.26
N ILE A 157 -27.10 -13.88 10.32
CA ILE A 157 -27.07 -12.87 11.38
C ILE A 157 -25.65 -12.57 11.77
N GLU A 158 -25.31 -11.30 11.97
CA GLU A 158 -23.97 -10.98 12.53
C GLU A 158 -24.12 -10.67 14.01
N CYS A 159 -23.24 -11.21 14.86
CA CYS A 159 -23.36 -10.95 16.27
C CYS A 159 -22.00 -10.80 16.98
N SER A 160 -22.07 -10.27 18.21
CA SER A 160 -20.90 -10.23 19.11
C SER A 160 -21.34 -10.64 20.51
N SER A 161 -20.74 -11.73 21.01
CA SER A 161 -20.95 -12.19 22.36
C SER A 161 -20.32 -11.21 23.35
N LYS A 162 -19.28 -10.53 22.88
CA LYS A 162 -18.53 -9.57 23.68
C LYS A 162 -19.40 -8.36 24.06
N THR A 163 -20.12 -7.77 23.09
CA THR A 163 -21.01 -6.63 23.35
C THR A 163 -22.49 -7.07 23.54
N GLN A 164 -22.75 -8.33 23.25
CA GLN A 164 -24.07 -8.95 23.27
C GLN A 164 -24.93 -8.64 22.03
N GLN A 165 -24.41 -7.82 21.11
CA GLN A 165 -25.21 -7.38 19.95
C GLN A 165 -25.76 -8.54 19.10
N ASN A 166 -27.08 -8.63 18.95
CA ASN A 166 -27.70 -9.63 18.06
C ASN A 166 -27.57 -11.10 18.51
N VAL A 167 -27.06 -11.34 19.72
CA VAL A 167 -26.96 -12.75 20.22
C VAL A 167 -28.35 -13.34 20.40
N LYS A 168 -29.22 -12.62 21.09
CA LYS A 168 -30.60 -13.10 21.24
C LYS A 168 -31.22 -13.37 19.88
N ALA A 169 -31.03 -12.44 18.93
CA ALA A 169 -31.56 -12.61 17.56
C ALA A 169 -31.16 -13.96 16.95
N VAL A 170 -29.97 -14.46 17.27
CA VAL A 170 -29.55 -15.72 16.66
C VAL A 170 -30.51 -16.90 16.97
N PHE A 171 -30.79 -17.07 18.25
CA PHE A 171 -31.54 -18.21 18.74
C PHE A 171 -33.02 -17.93 18.59
N ASP A 172 -33.44 -16.66 18.71
CA ASP A 172 -34.85 -16.29 18.41
C ASP A 172 -35.18 -16.65 16.98
N THR A 173 -34.26 -16.31 16.06
CA THR A 173 -34.44 -16.65 14.64
C THR A 173 -34.40 -18.20 14.39
N ALA A 174 -33.51 -18.89 15.07
CA ALA A 174 -33.42 -20.38 14.97
C ALA A 174 -34.81 -20.96 15.35
N ILE A 175 -35.41 -20.45 16.41
CA ILE A 175 -36.66 -20.97 16.86
C ILE A 175 -37.74 -20.66 15.86
N LYS A 176 -37.77 -19.40 15.39
CA LYS A 176 -38.77 -18.97 14.44
C LYS A 176 -38.70 -19.74 13.11
N VAL A 177 -37.49 -20.03 12.63
CA VAL A 177 -37.34 -20.83 11.41
C VAL A 177 -38.05 -22.17 11.62
N VAL A 178 -37.80 -22.81 12.75
CA VAL A 178 -38.41 -24.12 13.03
C VAL A 178 -39.94 -24.00 13.13
N LEU A 179 -40.44 -22.96 13.80
CA LEU A 179 -41.90 -22.82 14.01
C LEU A 179 -42.71 -22.30 12.82
N GLN A 180 -42.12 -21.44 12.01
CA GLN A 180 -42.82 -20.92 10.82
C GLN A 180 -42.74 -21.92 9.67
N PRO A 181 -43.73 -21.91 8.74
CA PRO A 181 -43.79 -22.92 7.65
C PRO A 181 -42.49 -23.17 6.89
N GLY B 1 8.89 30.14 45.98
CA GLY B 1 8.13 31.22 45.29
C GLY B 1 8.91 31.67 44.06
N SER B 2 9.09 30.76 43.12
CA SER B 2 9.81 31.04 41.88
C SER B 2 8.84 31.44 40.76
N HIS B 3 9.24 32.46 40.03
CA HIS B 3 8.58 32.80 38.78
C HIS B 3 8.69 31.55 37.90
N MET B 4 7.56 31.19 37.28
CA MET B 4 7.52 30.03 36.39
C MET B 4 7.94 30.38 34.94
N SER B 5 8.80 29.55 34.37
CA SER B 5 9.14 29.70 32.94
C SER B 5 9.46 28.34 32.37
N VAL B 6 9.58 28.29 31.04
CA VAL B 6 9.93 27.05 30.39
C VAL B 6 11.45 26.89 30.36
N SER B 7 11.92 25.83 31.01
CA SER B 7 13.34 25.53 31.02
C SER B 7 13.79 24.91 29.70
N LYS B 8 13.08 23.85 29.27
CA LYS B 8 13.53 22.99 28.16
C LYS B 8 12.46 22.86 27.09
N PHE B 9 12.88 22.76 25.83
CA PHE B 9 11.92 22.77 24.72
C PHE B 9 12.24 21.57 23.87
N ILE B 10 11.23 20.77 23.56
CA ILE B 10 11.48 19.52 22.85
C ILE B 10 10.49 19.41 21.69
N LYS B 11 10.99 19.12 20.49
CA LYS B 11 10.09 18.89 19.38
C LYS B 11 10.03 17.38 19.07
N CYS B 12 8.82 16.84 19.01
CA CYS B 12 8.63 15.40 18.81
C CYS B 12 7.67 15.21 17.64
N VAL B 13 8.13 14.50 16.62
CA VAL B 13 7.36 14.33 15.36
C VAL B 13 6.95 12.86 15.28
N THR B 14 5.68 12.62 14.97
CA THR B 14 5.15 11.25 14.93
C THR B 14 4.98 10.90 13.48
N VAL B 15 5.59 9.76 13.07
CA VAL B 15 5.61 9.31 11.66
C VAL B 15 5.21 7.84 11.60
N GLY B 16 4.90 7.36 10.40
CA GLY B 16 4.46 5.98 10.27
C GLY B 16 3.42 5.89 9.19
N ASP B 17 3.10 4.67 8.80
CA ASP B 17 2.14 4.42 7.73
C ASP B 17 0.77 5.04 8.03
N GLY B 18 0.06 5.43 6.95
CA GLY B 18 -1.32 5.89 7.07
C GLY B 18 -2.16 4.79 7.73
N ALA B 19 -3.09 5.23 8.58
CA ALA B 19 -4.11 4.39 9.25
C ALA B 19 -3.56 3.56 10.42
N VAL B 20 -2.28 3.71 10.78
CA VAL B 20 -1.80 2.96 11.96
C VAL B 20 -2.34 3.60 13.26
N GLY B 21 -2.72 4.89 13.24
CA GLY B 21 -3.27 5.51 14.47
C GLY B 21 -2.47 6.68 15.09
N LYS B 22 -1.67 7.35 14.27
CA LYS B 22 -0.82 8.44 14.74
C LYS B 22 -1.70 9.53 15.28
N THR B 23 -2.74 9.92 14.53
CA THR B 23 -3.54 11.09 14.95
C THR B 23 -4.35 10.80 16.23
N CYS B 24 -4.96 9.62 16.29
CA CYS B 24 -5.68 9.18 17.49
C CYS B 24 -4.72 9.17 18.69
N MET B 25 -3.47 8.74 18.49
CA MET B 25 -2.50 8.67 19.62
C MET B 25 -2.28 10.08 20.18
N LEU B 26 -2.09 11.03 19.30
CA LEU B 26 -1.86 12.42 19.71
C LEU B 26 -3.09 13.08 20.33
N ILE B 27 -4.28 12.80 19.76
CA ILE B 27 -5.53 13.30 20.35
C ILE B 27 -5.75 12.69 21.73
N CYS B 28 -5.51 11.39 21.87
CA CYS B 28 -5.67 10.70 23.17
C CYS B 28 -4.70 11.31 24.19
N TYR B 29 -3.45 11.46 23.78
CA TYR B 29 -2.44 12.07 24.68
C TYR B 29 -2.82 13.48 25.15
N THR B 30 -3.19 14.35 24.22
CA THR B 30 -3.39 15.77 24.53
C THR B 30 -4.76 16.14 25.10
N SER B 31 -5.79 15.32 24.84
CA SER B 31 -7.16 15.69 25.17
C SER B 31 -7.99 14.52 25.72
N ASN B 32 -7.34 13.38 25.94
CA ASN B 32 -7.94 12.23 26.63
C ASN B 32 -9.25 11.77 25.96
N LYS B 33 -9.28 11.93 24.64
CA LYS B 33 -10.43 11.57 23.78
C LYS B 33 -10.01 10.54 22.73
N PHE B 34 -10.86 9.54 22.50
CA PHE B 34 -10.75 8.73 21.29
C PHE B 34 -11.90 9.15 20.38
N PRO B 35 -11.58 9.77 19.22
CA PRO B 35 -12.64 10.36 18.41
C PRO B 35 -13.39 9.23 17.74
N THR B 36 -14.72 9.26 17.83
CA THR B 36 -15.56 8.19 17.27
C THR B 36 -16.31 8.67 16.03
N ASP B 37 -16.19 9.96 15.78
CA ASP B 37 -16.83 10.68 14.72
C ASP B 37 -15.72 11.01 13.69
N TYR B 38 -15.60 12.30 13.43
CA TYR B 38 -14.54 12.87 12.60
C TYR B 38 -13.13 12.63 13.19
N ILE B 39 -12.20 12.20 12.34
CA ILE B 39 -10.77 12.28 12.74
C ILE B 39 -10.02 13.08 11.67
N PRO B 40 -9.27 14.15 12.08
CA PRO B 40 -8.54 14.87 11.01
C PRO B 40 -7.41 14.00 10.42
N THR B 41 -7.02 14.29 9.20
CA THR B 41 -5.84 13.69 8.62
C THR B 41 -4.65 13.93 9.57
N VAL B 42 -4.52 15.17 10.05
CA VAL B 42 -3.37 15.57 10.87
C VAL B 42 -3.93 16.40 12.02
N PHE B 43 -3.53 16.06 13.24
CA PHE B 43 -3.93 16.82 14.41
C PHE B 43 -3.17 18.16 14.35
N ASP B 44 -3.76 19.19 14.93
CA ASP B 44 -3.12 20.51 15.00
C ASP B 44 -1.77 20.37 15.71
N ASN B 45 -0.76 21.12 15.31
CA ASN B 45 0.49 21.19 16.06
C ASN B 45 0.10 21.59 17.49
N PHE B 46 0.65 20.92 18.50
CA PHE B 46 0.17 21.14 19.87
C PHE B 46 1.40 21.31 20.76
N SER B 47 1.31 22.25 21.70
CA SER B 47 2.39 22.60 22.59
C SER B 47 1.90 22.23 24.01
N ALA B 48 2.45 21.15 24.54
CA ALA B 48 2.17 20.71 25.92
C ALA B 48 3.28 21.13 26.89
N ASN B 49 2.90 21.44 28.13
CA ASN B 49 3.87 21.62 29.20
C ASN B 49 3.76 20.38 30.08
N VAL B 50 4.90 19.81 30.45
CA VAL B 50 4.95 18.66 31.34
C VAL B 50 5.99 18.99 32.42
N ALA B 51 5.71 18.59 33.66
CA ALA B 51 6.68 18.82 34.75
C ALA B 51 7.64 17.67 34.82
N VAL B 52 8.94 17.98 34.79
CA VAL B 52 9.97 16.96 34.90
C VAL B 52 10.95 17.40 35.97
N ASP B 53 10.82 16.76 37.12
CA ASP B 53 11.68 16.93 38.30
C ASP B 53 12.71 18.07 38.21
N GLY B 54 12.35 19.30 38.61
CA GLY B 54 10.96 19.77 38.73
C GLY B 54 10.82 20.97 37.79
N GLN B 55 11.40 20.83 36.59
CA GLN B 55 11.44 21.91 35.58
C GLN B 55 10.31 21.73 34.58
N ILE B 56 9.85 22.85 33.99
CA ILE B 56 8.77 22.83 33.01
C ILE B 56 9.42 22.49 31.66
N VAL B 57 8.97 21.38 31.07
CA VAL B 57 9.39 20.97 29.75
C VAL B 57 8.25 21.28 28.79
N ASN B 58 8.57 22.05 27.75
CA ASN B 58 7.58 22.33 26.71
C ASN B 58 7.75 21.30 25.63
N LEU B 59 6.74 20.46 25.44
CA LEU B 59 6.79 19.41 24.42
C LEU B 59 5.92 19.85 23.20
N GLY B 60 6.56 20.04 22.04
CA GLY B 60 5.86 20.45 20.82
C GLY B 60 5.64 19.18 20.04
N LEU B 61 4.37 18.87 19.80
CA LEU B 61 3.97 17.61 19.15
C LEU B 61 3.49 17.92 17.73
N TRP B 62 4.18 17.33 16.76
CA TRP B 62 3.82 17.37 15.35
C TRP B 62 3.32 16.01 14.85
N ASP B 63 2.13 16.04 14.24
CA ASP B 63 1.56 14.92 13.48
C ASP B 63 2.03 15.06 12.01
N THR B 64 1.91 13.98 11.22
CA THR B 64 2.35 13.98 9.80
C THR B 64 1.30 13.30 8.93
N ALA B 65 1.26 13.68 7.66
CA ALA B 65 0.42 12.96 6.70
C ALA B 65 1.40 12.39 5.66
N GLY B 66 1.21 11.15 5.25
CA GLY B 66 2.04 10.60 4.18
C GLY B 66 1.77 11.16 2.80
N GLN B 67 2.66 10.77 1.87
CA GLN B 67 2.49 10.91 0.44
C GLN B 67 2.70 9.54 -0.22
N GLU B 68 2.34 9.46 -1.51
CA GLU B 68 2.52 8.21 -2.26
C GLU B 68 3.99 8.04 -2.68
N ASP B 69 4.67 9.16 -2.89
CA ASP B 69 6.04 9.17 -3.41
C ASP B 69 6.99 10.01 -2.55
N TYR B 70 8.13 9.42 -2.22
CA TYR B 70 9.09 10.06 -1.30
C TYR B 70 10.42 10.36 -1.98
N SER B 71 10.44 10.28 -3.31
CA SER B 71 11.69 10.49 -4.03
C SER B 71 12.24 11.90 -3.78
N ARG B 72 11.39 12.93 -3.84
CA ARG B 72 11.90 14.32 -3.78
C ARG B 72 11.32 15.16 -2.67
N LEU B 73 10.22 14.71 -2.09
CA LEU B 73 9.64 15.37 -0.92
C LEU B 73 10.72 15.66 0.12
N ARG B 74 10.88 16.93 0.48
CA ARG B 74 11.65 17.36 1.65
C ARG B 74 10.66 17.63 2.79
N PRO B 75 10.58 16.71 3.77
CA PRO B 75 9.51 16.80 4.77
C PRO B 75 9.86 17.90 5.80
N LEU B 76 9.28 19.09 5.64
CA LEU B 76 9.69 20.24 6.48
C LEU B 76 9.31 20.08 7.95
N SER B 77 8.31 19.22 8.23
CA SER B 77 7.95 18.89 9.64
C SER B 77 9.14 18.34 10.43
N TYR B 78 10.08 17.68 9.74
CA TYR B 78 11.23 17.05 10.40
C TYR B 78 12.21 18.09 10.91
N ARG B 79 12.17 19.29 10.32
CA ARG B 79 13.18 20.31 10.69
C ARG B 79 13.17 20.60 12.19
N GLY B 80 14.33 20.44 12.83
CA GLY B 80 14.43 20.71 14.27
C GLY B 80 13.83 19.65 15.20
N ALA B 81 13.44 18.50 14.65
CA ALA B 81 12.98 17.41 15.51
C ALA B 81 14.09 16.94 16.46
N ASP B 82 13.73 16.78 17.73
CA ASP B 82 14.60 16.23 18.76
C ASP B 82 14.45 14.71 18.93
N ILE B 83 13.32 14.18 18.46
CA ILE B 83 12.92 12.78 18.67
C ILE B 83 11.74 12.46 17.75
N PHE B 84 11.72 11.24 17.21
CA PHE B 84 10.58 10.74 16.42
C PHE B 84 9.87 9.63 17.19
N VAL B 85 8.54 9.65 17.12
CA VAL B 85 7.72 8.51 17.49
C VAL B 85 7.40 7.81 16.15
N LEU B 86 7.97 6.61 15.99
CA LEU B 86 7.87 5.86 14.74
C LEU B 86 6.84 4.79 14.98
N ALA B 87 5.65 4.97 14.43
CA ALA B 87 4.51 4.08 14.74
C ALA B 87 4.21 3.08 13.64
N PHE B 88 3.83 1.88 14.05
CA PHE B 88 3.26 0.87 13.18
C PHE B 88 2.10 0.22 13.94
N SER B 89 1.21 -0.44 13.19
CA SER B 89 0.03 -1.04 13.79
C SER B 89 0.35 -2.49 14.13
N LEU B 90 -0.01 -2.89 15.34
CA LEU B 90 0.24 -4.26 15.85
C LEU B 90 -0.57 -5.32 15.07
N ILE B 91 -1.56 -4.85 14.32
CA ILE B 91 -2.38 -5.79 13.48
C ILE B 91 -2.11 -5.65 11.99
N SER B 92 -1.03 -4.92 11.64
CA SER B 92 -0.65 -4.78 10.24
C SER B 92 0.83 -5.12 10.05
N LYS B 93 1.10 -6.31 9.51
CA LYS B 93 2.47 -6.67 9.15
C LYS B 93 3.05 -5.79 8.03
N ALA B 94 2.21 -5.33 7.08
CA ALA B 94 2.65 -4.32 6.13
C ALA B 94 3.25 -3.08 6.84
N SER B 95 2.56 -2.53 7.86
CA SER B 95 3.05 -1.28 8.51
C SER B 95 4.38 -1.56 9.24
N TYR B 96 4.50 -2.75 9.82
CA TYR B 96 5.70 -3.21 10.50
C TYR B 96 6.87 -3.30 9.51
N GLU B 97 6.69 -3.98 8.39
CA GLU B 97 7.74 -4.09 7.38
C GLU B 97 8.17 -2.70 6.84
N ASN B 98 7.20 -1.82 6.64
CA ASN B 98 7.50 -0.44 6.18
C ASN B 98 8.35 0.39 7.13
N VAL B 99 8.36 0.02 8.43
CA VAL B 99 9.37 0.60 9.34
C VAL B 99 10.78 0.44 8.77
N LEU B 100 11.09 -0.76 8.26
CA LEU B 100 12.38 -1.08 7.64
C LEU B 100 12.52 -0.55 6.22
N LYS B 101 11.51 -0.77 5.40
CA LYS B 101 11.59 -0.54 3.94
C LYS B 101 11.42 0.94 3.59
N LYS B 102 10.65 1.67 4.42
CA LYS B 102 10.21 3.04 4.11
C LYS B 102 10.72 4.07 5.13
N TRP B 103 10.38 3.88 6.40
CA TRP B 103 10.60 4.88 7.43
C TRP B 103 12.06 5.06 7.82
N MET B 104 12.79 3.98 8.02
CA MET B 104 14.21 4.13 8.40
C MET B 104 15.02 4.83 7.27
N PRO B 105 14.83 4.40 5.99
CA PRO B 105 15.49 5.13 4.90
C PRO B 105 15.07 6.61 4.87
N GLU B 106 13.77 6.90 5.04
CA GLU B 106 13.32 8.30 5.01
C GLU B 106 13.98 9.14 6.15
N LEU B 107 14.05 8.57 7.35
CA LEU B 107 14.69 9.25 8.49
C LEU B 107 16.20 9.36 8.29
N ARG B 108 16.81 8.36 7.69
CA ARG B 108 18.25 8.45 7.45
C ARG B 108 18.56 9.59 6.48
N ARG B 109 17.79 9.70 5.42
CA ARG B 109 18.06 10.78 4.46
C ARG B 109 17.69 12.19 4.92
N PHE B 110 16.59 12.36 5.68
CA PHE B 110 16.09 13.71 6.06
C PHE B 110 16.30 14.16 7.52
N ALA B 111 16.57 13.21 8.41
CA ALA B 111 16.71 13.52 9.83
C ALA B 111 17.66 12.49 10.45
N PRO B 112 18.84 12.31 9.83
CA PRO B 112 19.77 11.30 10.31
C PRO B 112 20.22 11.57 11.78
N ASN B 113 20.46 10.50 12.52
CA ASN B 113 20.96 10.55 13.90
C ASN B 113 19.98 11.18 14.91
N VAL B 114 18.68 11.24 14.60
CA VAL B 114 17.69 11.75 15.59
C VAL B 114 17.12 10.46 16.23
N PRO B 115 17.05 10.40 17.58
CA PRO B 115 16.54 9.20 18.25
C PRO B 115 15.09 8.92 17.96
N ILE B 116 14.76 7.64 18.13
CA ILE B 116 13.44 7.11 17.77
C ILE B 116 12.86 6.34 18.93
N VAL B 117 11.56 6.58 19.20
CA VAL B 117 10.79 5.70 20.03
C VAL B 117 9.88 4.88 19.14
N LEU B 118 10.02 3.56 19.17
CA LEU B 118 9.22 2.70 18.29
C LEU B 118 7.87 2.40 19.01
N VAL B 119 6.76 2.59 18.32
CA VAL B 119 5.46 2.35 18.95
C VAL B 119 4.60 1.39 18.11
N GLY B 120 4.07 0.36 18.76
CA GLY B 120 3.04 -0.50 18.14
C GLY B 120 1.67 -0.03 18.63
N THR B 121 0.78 0.27 17.71
CA THR B 121 -0.58 0.79 18.01
C THR B 121 -1.64 -0.29 17.96
N LYS B 122 -2.84 0.09 18.41
CA LYS B 122 -4.03 -0.76 18.43
C LYS B 122 -3.80 -2.01 19.29
N LEU B 123 -3.16 -1.83 20.46
CA LEU B 123 -2.97 -2.94 21.44
C LEU B 123 -4.28 -3.60 21.81
N ASP B 124 -5.35 -2.81 21.83
CA ASP B 124 -6.71 -3.35 22.17
C ASP B 124 -7.20 -4.43 21.22
N LEU B 125 -6.72 -4.42 19.97
CA LEU B 125 -7.04 -5.48 19.02
C LEU B 125 -6.02 -6.63 19.13
N ARG B 126 -4.75 -6.27 19.25
CA ARG B 126 -3.69 -7.29 19.27
C ARG B 126 -3.91 -8.21 20.46
N ASP B 127 -4.33 -7.64 21.57
CA ASP B 127 -4.43 -8.38 22.85
C ASP B 127 -5.79 -9.02 23.04
N ASP B 128 -6.67 -8.83 22.07
CA ASP B 128 -8.02 -9.33 22.20
C ASP B 128 -7.96 -10.81 21.89
N LYS B 129 -8.52 -11.59 22.81
CA LYS B 129 -8.34 -13.04 22.73
C LYS B 129 -9.06 -13.63 21.53
N GLY B 130 -10.20 -13.01 21.17
CA GLY B 130 -10.93 -13.41 19.97
C GLY B 130 -10.15 -13.16 18.68
N TYR B 131 -9.48 -12.00 18.65
CA TYR B 131 -8.67 -11.67 17.52
C TYR B 131 -7.49 -12.64 17.39
N LEU B 132 -6.79 -12.87 18.51
CA LEU B 132 -5.68 -13.81 18.54
C LEU B 132 -6.10 -15.22 18.13
N ALA B 133 -7.31 -15.63 18.55
CA ALA B 133 -7.76 -17.02 18.33
C ALA B 133 -7.88 -17.42 16.84
N ASP B 134 -8.08 -16.41 15.98
CA ASP B 134 -8.37 -16.62 14.55
C ASP B 134 -7.09 -16.47 13.76
N HIS B 135 -6.00 -16.61 14.48
CA HIS B 135 -4.78 -15.87 14.20
C HIS B 135 -4.67 -15.16 12.91
N THR B 136 -5.08 -13.91 13.01
CA THR B 136 -5.18 -13.03 11.87
C THR B 136 -3.95 -12.08 11.85
N ASN B 137 -2.81 -12.61 11.40
CA ASN B 137 -1.55 -11.88 11.24
C ASN B 137 -1.35 -10.65 12.15
N VAL B 138 -0.56 -10.82 13.22
CA VAL B 138 -0.28 -9.74 14.17
C VAL B 138 1.15 -9.81 14.74
N ILE B 139 1.61 -8.66 15.19
CA ILE B 139 2.95 -8.56 15.72
C ILE B 139 2.88 -8.84 17.23
N THR B 140 3.66 -9.80 17.72
CA THR B 140 3.75 -10.09 19.16
C THR B 140 4.68 -9.07 19.83
N SER B 141 4.68 -9.00 21.15
CA SER B 141 5.60 -8.08 21.84
C SER B 141 7.08 -8.42 21.57
N THR B 142 7.40 -9.71 21.43
CA THR B 142 8.74 -10.12 21.08
C THR B 142 9.17 -9.64 19.68
N GLN B 143 8.28 -9.73 18.70
CA GLN B 143 8.55 -9.25 17.36
C GLN B 143 8.72 -7.72 17.34
N GLY B 144 7.99 -7.00 18.16
CA GLY B 144 8.10 -5.55 18.10
C GLY B 144 9.39 -5.17 18.77
N GLU B 145 9.75 -5.89 19.82
CA GLU B 145 11.07 -5.63 20.45
C GLU B 145 12.22 -5.98 19.48
N GLU B 146 12.05 -7.04 18.70
CA GLU B 146 13.05 -7.42 17.71
C GLU B 146 13.23 -6.32 16.69
N LEU B 147 12.11 -5.69 16.31
CA LEU B 147 12.17 -4.58 15.35
C LEU B 147 12.95 -3.40 15.96
N ARG B 148 12.69 -3.11 17.25
CA ARG B 148 13.37 -2.02 17.95
C ARG B 148 14.87 -2.25 17.92
N LYS B 149 15.28 -3.48 18.21
CA LYS B 149 16.67 -3.91 18.15
C LYS B 149 17.26 -3.72 16.75
N GLN B 150 16.54 -4.17 15.72
CA GLN B 150 16.98 -4.05 14.33
C GLN B 150 17.26 -2.64 13.90
N ILE B 151 16.48 -1.69 14.41
CA ILE B 151 16.60 -0.32 13.96
C ILE B 151 17.35 0.57 14.96
N GLY B 152 17.71 -0.02 16.08
CA GLY B 152 18.42 0.71 17.15
C GLY B 152 17.59 1.84 17.74
N ALA B 153 16.28 1.64 17.85
CA ALA B 153 15.45 2.63 18.49
C ALA B 153 15.67 2.60 20.00
N ALA B 154 15.40 3.72 20.66
CA ALA B 154 15.65 3.89 22.07
C ALA B 154 14.71 3.09 22.97
N ALA B 155 13.46 2.90 22.52
CA ALA B 155 12.48 2.20 23.33
C ALA B 155 11.40 1.64 22.40
N TYR B 156 10.65 0.69 22.95
CA TYR B 156 9.46 0.13 22.27
C TYR B 156 8.30 0.16 23.23
N ILE B 157 7.19 0.77 22.77
CA ILE B 157 5.98 0.84 23.55
C ILE B 157 4.78 0.35 22.76
N GLU B 158 3.98 -0.50 23.41
CA GLU B 158 2.74 -0.96 22.83
C GLU B 158 1.64 -0.16 23.45
N CYS B 159 0.76 0.40 22.61
CA CYS B 159 -0.26 1.24 23.19
C CYS B 159 -1.61 1.10 22.48
N SER B 160 -2.65 1.63 23.12
CA SER B 160 -3.99 1.71 22.45
C SER B 160 -4.61 3.10 22.71
N SER B 161 -4.95 3.88 21.70
CA SER B 161 -5.64 5.14 21.95
C SER B 161 -7.10 4.87 22.34
N LYS B 162 -7.61 3.68 21.99
CA LYS B 162 -9.01 3.30 22.29
C LYS B 162 -9.25 3.11 23.78
N THR B 163 -8.34 2.40 24.45
CA THR B 163 -8.40 2.21 25.91
C THR B 163 -7.52 3.22 26.68
N GLN B 164 -6.69 3.98 25.95
CA GLN B 164 -5.61 4.86 26.51
C GLN B 164 -4.36 4.10 27.05
N GLN B 165 -4.37 2.76 27.02
CA GLN B 165 -3.29 1.97 27.64
C GLN B 165 -1.94 2.38 27.07
N ASN B 166 -1.05 2.91 27.93
CA ASN B 166 0.38 3.16 27.60
C ASN B 166 0.58 4.33 26.67
N VAL B 167 -0.46 5.11 26.39
CA VAL B 167 -0.27 6.26 25.47
C VAL B 167 0.65 7.32 26.14
N LYS B 168 0.35 7.65 27.40
CA LYS B 168 1.19 8.62 28.17
C LYS B 168 2.63 8.14 28.15
N ALA B 169 2.82 6.83 28.29
CA ALA B 169 4.21 6.31 28.42
C ALA B 169 4.98 6.59 27.13
N VAL B 170 4.30 6.63 25.97
CA VAL B 170 4.96 6.96 24.72
C VAL B 170 5.69 8.30 24.82
N PHE B 171 4.95 9.32 25.26
CA PHE B 171 5.46 10.68 25.27
C PHE B 171 6.31 10.98 26.51
N ASP B 172 6.01 10.35 27.65
CA ASP B 172 6.94 10.36 28.81
C ASP B 172 8.33 9.80 28.39
N THR B 173 8.35 8.72 27.61
CA THR B 173 9.59 8.08 27.13
C THR B 173 10.37 8.98 26.12
N ALA B 174 9.63 9.56 25.18
CA ALA B 174 10.18 10.52 24.20
C ALA B 174 10.91 11.61 24.98
N ILE B 175 10.25 12.16 25.99
CA ILE B 175 10.86 13.29 26.76
C ILE B 175 12.15 12.80 27.46
N LYS B 176 12.05 11.65 28.13
CA LYS B 176 13.19 11.08 28.90
C LYS B 176 14.38 10.81 28.02
N VAL B 177 14.14 10.24 26.84
CA VAL B 177 15.22 9.98 25.91
C VAL B 177 15.97 11.27 25.51
N VAL B 178 15.21 12.32 25.24
CA VAL B 178 15.83 13.60 24.84
C VAL B 178 16.60 14.23 26.02
N LEU B 179 16.04 14.15 27.22
CA LEU B 179 16.61 14.74 28.44
C LEU B 179 17.87 14.05 28.99
N GLN B 180 17.92 12.73 28.87
CA GLN B 180 19.06 11.92 29.35
C GLN B 180 20.25 11.91 28.39
N PRO B 181 21.46 11.55 28.88
CA PRO B 181 22.60 11.55 27.94
C PRO B 181 22.42 10.51 26.81
N PRO B 182 23.01 10.79 25.64
CA PRO B 182 22.86 9.89 24.48
C PRO B 182 23.49 8.55 24.76
N ARG B 183 22.95 7.50 24.16
CA ARG B 183 23.46 6.15 24.36
C ARG B 183 24.29 5.67 23.15
N ARG B 184 24.20 6.37 22.04
CA ARG B 184 25.06 6.07 20.87
C ARG B 184 25.55 7.36 20.19
N LYS C 8 -3.46 -32.73 -23.21
CA LYS C 8 -4.20 -31.83 -22.30
C LYS C 8 -4.60 -30.54 -23.01
N PHE C 9 -5.82 -30.09 -22.76
CA PHE C 9 -6.24 -28.72 -23.10
C PHE C 9 -5.94 -27.81 -21.90
N ILE C 10 -5.42 -26.62 -22.15
CA ILE C 10 -5.25 -25.67 -21.06
C ILE C 10 -5.84 -24.34 -21.47
N LYS C 11 -6.89 -23.90 -20.76
CA LYS C 11 -7.44 -22.57 -20.94
C LYS C 11 -6.84 -21.59 -19.91
N CYS C 12 -6.17 -20.56 -20.43
CA CYS C 12 -5.39 -19.63 -19.61
C CYS C 12 -5.96 -18.28 -19.87
N VAL C 13 -6.50 -17.66 -18.81
CA VAL C 13 -7.19 -16.37 -18.91
C VAL C 13 -6.39 -15.26 -18.22
N THR C 14 -6.14 -14.18 -18.99
CA THR C 14 -5.37 -13.01 -18.49
C THR C 14 -6.30 -11.87 -18.04
N VAL C 15 -6.16 -11.52 -16.76
CA VAL C 15 -7.04 -10.56 -16.07
C VAL C 15 -6.20 -9.55 -15.30
N GLY C 16 -6.83 -8.44 -14.95
CA GLY C 16 -6.13 -7.36 -14.25
C GLY C 16 -6.63 -6.03 -14.76
N ASP C 17 -6.21 -4.97 -14.10
CA ASP C 17 -6.70 -3.61 -14.40
C ASP C 17 -6.45 -3.20 -15.82
N GLY C 18 -7.32 -2.31 -16.34
CA GLY C 18 -7.09 -1.79 -17.69
C GLY C 18 -5.77 -1.03 -17.71
N ALA C 19 -5.12 -1.02 -18.87
CA ALA C 19 -3.86 -0.33 -19.13
C ALA C 19 -2.59 -0.92 -18.50
N VAL C 20 -2.70 -2.05 -17.78
CA VAL C 20 -1.47 -2.68 -17.19
C VAL C 20 -0.57 -3.36 -18.26
N GLY C 21 -1.19 -3.75 -19.36
CA GLY C 21 -0.46 -4.35 -20.48
C GLY C 21 -0.79 -5.80 -20.80
N LYS C 22 -2.01 -6.24 -20.47
CA LYS C 22 -2.43 -7.63 -20.73
C LYS C 22 -2.39 -7.96 -22.21
N THR C 23 -2.99 -7.10 -23.04
CA THR C 23 -3.08 -7.29 -24.47
C THR C 23 -1.66 -7.33 -25.08
N CYS C 24 -0.81 -6.39 -24.70
CA CYS C 24 0.58 -6.40 -25.19
C CYS C 24 1.34 -7.68 -24.83
N MET C 25 1.11 -8.21 -23.62
CA MET C 25 1.78 -9.44 -23.21
C MET C 25 1.39 -10.59 -24.11
N LEU C 26 0.11 -10.65 -24.47
CA LEU C 26 -0.39 -11.77 -25.26
C LEU C 26 0.09 -11.63 -26.69
N ILE C 27 0.07 -10.41 -27.19
CA ILE C 27 0.63 -10.12 -28.55
C ILE C 27 2.13 -10.44 -28.65
N CYS C 28 2.91 -10.00 -27.66
CA CYS C 28 4.31 -10.31 -27.56
C CYS C 28 4.57 -11.83 -27.54
N TYR C 29 3.84 -12.55 -26.69
CA TYR C 29 4.00 -14.01 -26.58
C TYR C 29 3.67 -14.74 -27.89
N THR C 30 2.51 -14.43 -28.45
CA THR C 30 2.03 -15.21 -29.59
C THR C 30 2.63 -14.78 -30.90
N SER C 31 3.14 -13.54 -30.99
CA SER C 31 3.58 -13.03 -32.30
C SER C 31 4.94 -12.33 -32.25
N ASN C 32 5.58 -12.29 -31.08
CA ASN C 32 6.94 -11.78 -30.94
C ASN C 32 7.09 -10.34 -31.41
N LYS C 33 6.02 -9.57 -31.25
CA LYS C 33 6.04 -8.14 -31.55
C LYS C 33 5.44 -7.31 -30.42
N PHE C 34 5.97 -6.10 -30.23
CA PHE C 34 5.37 -5.12 -29.38
C PHE C 34 4.67 -4.09 -30.27
N PRO C 35 3.32 -3.98 -30.18
CA PRO C 35 2.56 -3.07 -31.04
C PRO C 35 2.84 -1.60 -30.75
N THR C 36 3.18 -0.83 -31.78
CA THR C 36 3.56 0.57 -31.61
C THR C 36 2.56 1.53 -32.23
N ASP C 37 1.53 0.96 -32.85
CA ASP C 37 0.44 1.72 -33.42
C ASP C 37 -0.85 1.24 -32.73
N TYR C 38 -1.78 0.72 -33.52
CA TYR C 38 -3.02 0.14 -33.01
C TYR C 38 -2.83 -0.99 -31.97
N ILE C 39 -3.49 -0.84 -30.83
CA ILE C 39 -3.59 -1.93 -29.87
C ILE C 39 -5.07 -2.22 -29.63
N PRO C 40 -5.51 -3.47 -29.87
CA PRO C 40 -6.93 -3.74 -29.61
C PRO C 40 -7.20 -3.76 -28.12
N THR C 41 -8.43 -3.45 -27.73
CA THR C 41 -8.87 -3.63 -26.34
C THR C 41 -8.58 -5.07 -25.89
N VAL C 42 -8.89 -6.06 -26.73
CA VAL C 42 -8.78 -7.47 -26.40
C VAL C 42 -8.16 -8.19 -27.59
N PHE C 43 -7.05 -8.90 -27.35
CA PHE C 43 -6.43 -9.69 -28.41
C PHE C 43 -7.39 -10.84 -28.79
N ASP C 44 -7.37 -11.26 -30.06
CA ASP C 44 -8.16 -12.39 -30.56
C ASP C 44 -7.80 -13.63 -29.77
N ASN C 45 -8.77 -14.41 -29.32
CA ASN C 45 -8.34 -15.58 -28.55
C ASN C 45 -7.45 -16.47 -29.46
N PHE C 46 -6.43 -17.05 -28.86
CA PHE C 46 -5.34 -17.70 -29.59
C PHE C 46 -5.12 -19.08 -29.00
N SER C 47 -4.90 -20.07 -29.86
CA SER C 47 -4.56 -21.40 -29.37
C SER C 47 -3.33 -21.93 -30.11
N ALA C 48 -2.47 -22.62 -29.37
CA ALA C 48 -1.19 -23.07 -29.86
C ALA C 48 -0.73 -24.31 -29.12
N ASN C 49 -0.22 -25.29 -29.88
CA ASN C 49 0.44 -26.45 -29.29
C ASN C 49 1.83 -26.08 -28.78
N VAL C 50 2.05 -26.31 -27.49
CA VAL C 50 3.36 -26.06 -26.84
C VAL C 50 4.01 -27.40 -26.45
N ALA C 51 5.34 -27.39 -26.29
CA ALA C 51 6.12 -28.61 -26.01
C ALA C 51 5.98 -29.12 -24.58
N VAL C 57 0.93 -29.69 -25.19
CA VAL C 57 -0.45 -29.39 -24.79
C VAL C 57 -1.05 -28.34 -25.74
N ASN C 58 -2.37 -28.22 -25.75
CA ASN C 58 -3.02 -27.13 -26.47
C ASN C 58 -3.22 -25.99 -25.48
N LEU C 59 -2.48 -24.90 -25.67
CA LEU C 59 -2.63 -23.71 -24.81
C LEU C 59 -3.63 -22.74 -25.42
N GLY C 60 -4.74 -22.52 -24.72
CA GLY C 60 -5.77 -21.57 -25.18
C GLY C 60 -5.62 -20.27 -24.42
N LEU C 61 -5.40 -19.17 -25.13
CA LEU C 61 -5.12 -17.89 -24.47
C LEU C 61 -6.28 -16.91 -24.66
N TRP C 62 -6.81 -16.45 -23.53
CA TRP C 62 -7.94 -15.56 -23.49
C TRP C 62 -7.53 -14.25 -22.82
N ASP C 63 -7.87 -13.16 -23.50
CA ASP C 63 -7.67 -11.82 -22.99
C ASP C 63 -9.02 -11.34 -22.43
N THR C 64 -9.04 -10.24 -21.68
CA THR C 64 -10.27 -9.78 -21.04
C THR C 64 -10.28 -8.26 -21.06
N ALA C 65 -11.46 -7.71 -20.84
CA ALA C 65 -11.63 -6.28 -20.67
C ALA C 65 -12.67 -6.07 -19.58
N GLY C 66 -12.44 -5.13 -18.68
CA GLY C 66 -13.38 -4.86 -17.57
C GLY C 66 -14.70 -4.25 -18.01
N LEU C 76 -17.75 -14.37 -18.33
CA LEU C 76 -18.08 -15.59 -19.09
C LEU C 76 -16.85 -16.19 -19.77
N SER C 77 -15.81 -15.37 -19.94
CA SER C 77 -14.49 -15.83 -20.36
C SER C 77 -13.79 -16.59 -19.22
N TYR C 78 -14.36 -16.51 -18.01
CA TYR C 78 -13.88 -17.27 -16.84
C TYR C 78 -14.29 -18.75 -16.89
N ARG C 79 -15.36 -19.05 -17.62
CA ARG C 79 -15.86 -20.42 -17.75
C ARG C 79 -14.79 -21.40 -18.22
N GLY C 80 -14.55 -22.41 -17.41
CA GLY C 80 -13.66 -23.49 -17.82
C GLY C 80 -12.19 -23.07 -17.80
N ALA C 81 -11.89 -21.95 -17.13
CA ALA C 81 -10.49 -21.55 -16.98
C ALA C 81 -9.73 -22.57 -16.14
N ASP C 82 -8.54 -22.92 -16.61
CA ASP C 82 -7.63 -23.83 -15.91
C ASP C 82 -6.63 -23.05 -15.07
N ILE C 83 -6.40 -21.80 -15.48
CA ILE C 83 -5.42 -20.94 -14.81
C ILE C 83 -5.65 -19.49 -15.21
N PHE C 84 -5.37 -18.60 -14.27
CA PHE C 84 -5.40 -17.16 -14.53
C PHE C 84 -4.00 -16.57 -14.45
N VAL C 85 -3.70 -15.70 -15.40
CA VAL C 85 -2.56 -14.79 -15.32
C VAL C 85 -3.13 -13.47 -14.82
N LEU C 86 -2.75 -13.11 -13.62
CA LEU C 86 -3.30 -11.94 -12.94
C LEU C 86 -2.24 -10.87 -12.94
N ALA C 87 -2.46 -9.84 -13.75
CA ALA C 87 -1.42 -8.86 -14.03
C ALA C 87 -1.69 -7.55 -13.28
N PHE C 88 -0.62 -6.95 -12.81
CA PHE C 88 -0.66 -5.53 -12.35
C PHE C 88 0.57 -4.83 -12.99
N SER C 89 0.55 -3.51 -13.05
CA SER C 89 1.69 -2.76 -13.63
C SER C 89 2.71 -2.48 -12.52
N LEU C 90 4.00 -2.73 -12.79
CA LEU C 90 5.04 -2.47 -11.78
C LEU C 90 5.20 -0.98 -11.37
N ILE C 91 4.63 -0.07 -12.16
CA ILE C 91 4.71 1.36 -11.90
C ILE C 91 3.36 1.98 -11.41
N SER C 92 2.38 1.13 -11.11
CA SER C 92 1.08 1.60 -10.64
C SER C 92 0.70 0.86 -9.36
N LYS C 93 0.86 1.54 -8.25
CA LYS C 93 0.44 1.00 -6.94
C LYS C 93 -1.09 0.81 -6.85
N ALA C 94 -1.86 1.63 -7.59
CA ALA C 94 -3.31 1.40 -7.76
C ALA C 94 -3.59 0.02 -8.27
N SER C 95 -2.94 -0.38 -9.36
CA SER C 95 -3.24 -1.68 -9.99
C SER C 95 -2.80 -2.87 -9.13
N TYR C 96 -1.70 -2.68 -8.38
CA TYR C 96 -1.22 -3.61 -7.38
C TYR C 96 -2.22 -3.73 -6.22
N GLU C 97 -2.70 -2.63 -5.65
CA GLU C 97 -3.72 -2.72 -4.59
C GLU C 97 -5.05 -3.35 -5.06
N ASN C 98 -5.39 -3.10 -6.33
CA ASN C 98 -6.59 -3.69 -6.93
C ASN C 98 -6.56 -5.21 -7.06
N VAL C 99 -5.35 -5.78 -7.03
CA VAL C 99 -5.20 -7.24 -6.97
C VAL C 99 -5.84 -7.81 -5.71
N LEU C 100 -5.58 -7.16 -4.57
CA LEU C 100 -6.25 -7.51 -3.29
C LEU C 100 -7.73 -7.12 -3.22
N LYS C 101 -8.04 -5.88 -3.62
CA LYS C 101 -9.35 -5.31 -3.40
C LYS C 101 -10.43 -5.72 -4.43
N LYS C 102 -10.01 -6.04 -5.65
CA LYS C 102 -10.95 -6.29 -6.74
C LYS C 102 -10.76 -7.66 -7.39
N TRP C 103 -9.52 -8.05 -7.68
CA TRP C 103 -9.28 -9.26 -8.49
C TRP C 103 -9.36 -10.56 -7.71
N MET C 104 -8.83 -10.55 -6.51
CA MET C 104 -9.01 -11.68 -5.60
C MET C 104 -10.49 -11.93 -5.24
N PRO C 105 -11.24 -10.88 -4.82
CA PRO C 105 -12.68 -11.09 -4.66
C PRO C 105 -13.32 -11.74 -5.90
N GLU C 106 -13.06 -11.17 -7.09
CA GLU C 106 -13.60 -11.62 -8.37
C GLU C 106 -13.30 -13.08 -8.64
N LEU C 107 -12.03 -13.46 -8.49
CA LEU C 107 -11.57 -14.82 -8.80
C LEU C 107 -12.01 -15.86 -7.77
N ARG C 108 -12.11 -15.46 -6.51
CA ARG C 108 -12.56 -16.38 -5.48
C ARG C 108 -14.08 -16.56 -5.64
N ARG C 109 -14.77 -15.47 -5.97
CA ARG C 109 -16.22 -15.48 -6.23
C ARG C 109 -16.63 -16.34 -7.43
N PHE C 110 -15.91 -16.20 -8.54
CA PHE C 110 -16.33 -16.82 -9.80
C PHE C 110 -15.48 -18.03 -10.26
N ALA C 111 -14.26 -18.15 -9.77
CA ALA C 111 -13.38 -19.29 -10.09
C ALA C 111 -12.59 -19.81 -8.87
N PRO C 112 -13.32 -20.28 -7.83
CA PRO C 112 -12.81 -20.59 -6.49
C PRO C 112 -11.48 -21.32 -6.41
N ASN C 113 -11.33 -22.44 -7.13
CA ASN C 113 -10.09 -23.21 -6.95
C ASN C 113 -9.08 -23.24 -8.13
N VAL C 114 -9.22 -22.27 -9.04
CA VAL C 114 -8.34 -22.12 -10.21
C VAL C 114 -7.02 -21.43 -9.78
N PRO C 115 -5.84 -22.03 -10.09
CA PRO C 115 -4.57 -21.38 -9.74
C PRO C 115 -4.32 -20.07 -10.48
N ILE C 116 -3.39 -19.29 -9.92
CA ILE C 116 -3.02 -17.94 -10.38
C ILE C 116 -1.50 -17.84 -10.55
N VAL C 117 -1.08 -17.25 -11.68
CA VAL C 117 0.28 -16.78 -11.87
C VAL C 117 0.21 -15.24 -11.78
N LEU C 118 0.94 -14.68 -10.83
CA LEU C 118 0.88 -13.23 -10.63
C LEU C 118 1.96 -12.62 -11.48
N VAL C 119 1.63 -11.57 -12.22
CA VAL C 119 2.57 -10.98 -13.15
C VAL C 119 2.63 -9.48 -12.96
N GLY C 120 3.85 -8.96 -12.76
CA GLY C 120 4.07 -7.52 -12.78
C GLY C 120 4.61 -7.09 -14.15
N THR C 121 3.95 -6.12 -14.76
CA THR C 121 4.25 -5.73 -16.14
C THR C 121 5.06 -4.41 -16.14
N LYS C 122 5.55 -4.06 -17.34
CA LYS C 122 6.30 -2.79 -17.55
C LYS C 122 7.60 -2.82 -16.76
N LEU C 123 8.25 -3.98 -16.72
CA LEU C 123 9.60 -4.11 -16.13
C LEU C 123 10.63 -3.09 -16.67
N ASP C 124 10.46 -2.70 -17.94
CA ASP C 124 11.37 -1.77 -18.61
C ASP C 124 11.35 -0.39 -17.96
N LEU C 125 10.22 0.00 -17.38
CA LEU C 125 10.07 1.24 -16.63
C LEU C 125 10.47 1.11 -15.18
N ARG C 126 10.01 0.05 -14.51
CA ARG C 126 10.34 -0.17 -13.11
C ARG C 126 11.88 -0.24 -12.92
N ASP C 127 12.60 -0.89 -13.84
CA ASP C 127 14.06 -1.02 -13.73
C ASP C 127 14.84 0.13 -14.36
N ASP C 128 14.14 1.10 -14.94
CA ASP C 128 14.83 2.23 -15.53
C ASP C 128 15.34 3.13 -14.42
N LYS C 129 16.64 3.37 -14.44
CA LYS C 129 17.25 4.14 -13.36
C LYS C 129 16.77 5.60 -13.33
N GLY C 130 16.51 6.13 -14.52
CA GLY C 130 15.96 7.49 -14.65
C GLY C 130 14.58 7.54 -13.99
N TYR C 131 13.80 6.48 -14.21
CA TYR C 131 12.44 6.45 -13.65
C TYR C 131 12.50 6.36 -12.11
N LEU C 132 13.36 5.50 -11.63
CA LEU C 132 13.48 5.24 -10.20
C LEU C 132 13.99 6.45 -9.46
N ALA C 133 14.92 7.19 -10.09
CA ALA C 133 15.38 8.50 -9.59
C ALA C 133 14.23 9.44 -9.22
N ASP C 134 13.11 9.35 -9.95
CA ASP C 134 11.97 10.23 -9.76
C ASP C 134 10.80 9.62 -8.99
N HIS C 135 10.87 8.32 -8.74
CA HIS C 135 9.73 7.58 -8.24
C HIS C 135 10.10 6.50 -7.22
N THR C 136 9.48 6.66 -6.07
CA THR C 136 9.51 5.68 -5.00
C THR C 136 8.22 4.79 -5.11
N ASN C 137 7.21 5.32 -5.80
CA ASN C 137 5.89 4.69 -5.91
C ASN C 137 5.81 3.59 -7.00
N VAL C 138 6.81 2.73 -7.01
CA VAL C 138 6.84 1.57 -7.89
C VAL C 138 6.76 0.34 -7.00
N ILE C 139 6.53 -0.80 -7.63
CA ILE C 139 6.54 -2.09 -6.94
C ILE C 139 7.90 -2.78 -7.06
N THR C 140 8.54 -3.08 -5.92
CA THR C 140 9.81 -3.81 -5.93
C THR C 140 9.57 -5.32 -6.11
N SER C 141 10.61 -6.08 -6.45
CA SER C 141 10.47 -7.56 -6.54
C SER C 141 9.98 -8.18 -5.24
N THR C 142 10.43 -7.63 -4.10
CA THR C 142 10.04 -8.15 -2.80
C THR C 142 8.57 -7.87 -2.54
N GLN C 143 8.13 -6.68 -2.91
CA GLN C 143 6.71 -6.33 -2.80
C GLN C 143 5.81 -7.20 -3.66
N GLY C 144 6.25 -7.49 -4.88
CA GLY C 144 5.49 -8.37 -5.78
C GLY C 144 5.40 -9.77 -5.18
N GLU C 145 6.51 -10.28 -4.66
CA GLU C 145 6.55 -11.59 -4.02
C GLU C 145 5.65 -11.63 -2.77
N GLU C 146 5.66 -10.54 -2.00
CA GLU C 146 4.75 -10.44 -0.86
C GLU C 146 3.29 -10.51 -1.24
N LEU C 147 2.92 -9.82 -2.34
CA LEU C 147 1.58 -9.91 -2.94
C LEU C 147 1.24 -11.33 -3.36
N ARG C 148 2.19 -12.00 -4.05
CA ARG C 148 1.99 -13.39 -4.43
C ARG C 148 1.63 -14.28 -3.22
N LYS C 149 2.43 -14.17 -2.16
CA LYS C 149 2.24 -14.91 -0.92
C LYS C 149 0.86 -14.60 -0.32
N GLN C 150 0.51 -13.32 -0.30
CA GLN C 150 -0.77 -12.85 0.23
C GLN C 150 -2.01 -13.42 -0.48
N ILE C 151 -1.97 -13.47 -1.81
CA ILE C 151 -3.09 -13.99 -2.57
C ILE C 151 -3.00 -15.50 -2.84
N GLY C 152 -1.91 -16.14 -2.45
CA GLY C 152 -1.78 -17.58 -2.69
C GLY C 152 -1.61 -17.95 -4.15
N ALA C 153 -0.93 -17.09 -4.91
CA ALA C 153 -0.64 -17.37 -6.32
C ALA C 153 0.52 -18.36 -6.38
N ALA C 154 0.56 -19.16 -7.44
CA ALA C 154 1.57 -20.20 -7.58
C ALA C 154 2.97 -19.70 -7.91
N ALA C 155 3.06 -18.51 -8.50
CA ALA C 155 4.32 -17.94 -8.96
C ALA C 155 4.14 -16.45 -9.19
N TYR C 156 5.26 -15.75 -9.22
CA TYR C 156 5.32 -14.34 -9.53
C TYR C 156 6.33 -14.18 -10.64
N ILE C 157 5.94 -13.43 -11.65
CA ILE C 157 6.88 -13.09 -12.72
C ILE C 157 6.81 -11.62 -13.07
N GLU C 158 8.00 -11.02 -13.27
CA GLU C 158 8.12 -9.65 -13.76
C GLU C 158 8.52 -9.72 -15.22
N CYS C 159 7.80 -9.03 -16.10
CA CYS C 159 8.10 -9.00 -17.53
C CYS C 159 7.95 -7.61 -18.14
N SER C 160 8.50 -7.48 -19.34
CA SER C 160 8.26 -6.32 -20.23
C SER C 160 7.89 -6.79 -21.63
N SER C 161 6.73 -6.35 -22.13
CA SER C 161 6.34 -6.67 -23.50
C SER C 161 7.19 -5.81 -24.46
N LYS C 162 7.67 -4.68 -23.97
CA LYS C 162 8.45 -3.80 -24.83
C LYS C 162 9.79 -4.43 -25.20
N THR C 163 10.45 -5.05 -24.22
CA THR C 163 11.75 -5.71 -24.48
C THR C 163 11.67 -7.22 -24.69
N GLN C 164 10.50 -7.80 -24.45
CA GLN C 164 10.24 -9.26 -24.39
C GLN C 164 10.73 -10.00 -23.15
N GLN C 165 11.41 -9.30 -22.26
CA GLN C 165 12.03 -9.97 -21.11
C GLN C 165 11.02 -10.70 -20.23
N ASN C 166 11.22 -12.02 -20.02
CA ASN C 166 10.36 -12.84 -19.16
C ASN C 166 8.93 -13.08 -19.63
N VAL C 167 8.58 -12.59 -20.81
CA VAL C 167 7.21 -12.82 -21.27
C VAL C 167 6.93 -14.32 -21.56
N LYS C 168 7.86 -15.00 -22.22
CA LYS C 168 7.71 -16.43 -22.42
C LYS C 168 7.62 -17.16 -21.07
N ALA C 169 8.36 -16.68 -20.05
CA ALA C 169 8.34 -17.37 -18.75
C ALA C 169 6.94 -17.29 -18.09
N VAL C 170 6.18 -16.24 -18.40
CA VAL C 170 4.81 -16.12 -17.83
C VAL C 170 3.97 -17.33 -18.27
N PHE C 171 3.98 -17.61 -19.56
CA PHE C 171 3.10 -18.64 -20.11
C PHE C 171 3.68 -20.04 -19.95
N ASP C 172 5.02 -20.20 -20.03
CA ASP C 172 5.66 -21.46 -19.67
C ASP C 172 5.23 -21.87 -18.25
N THR C 173 5.23 -20.89 -17.34
CA THR C 173 4.91 -21.11 -15.91
C THR C 173 3.42 -21.49 -15.71
N ALA C 174 2.53 -20.79 -16.43
CA ALA C 174 1.12 -21.08 -16.41
C ALA C 174 0.92 -22.55 -16.83
N ILE C 175 1.60 -22.96 -17.91
CA ILE C 175 1.48 -24.37 -18.36
C ILE C 175 1.98 -25.34 -17.29
N LYS C 176 3.15 -25.06 -16.71
CA LYS C 176 3.74 -25.91 -15.67
C LYS C 176 2.91 -25.99 -14.38
N VAL C 177 2.29 -24.90 -13.96
CA VAL C 177 1.44 -24.93 -12.79
C VAL C 177 0.25 -25.86 -13.01
N VAL C 178 -0.38 -25.76 -14.17
CA VAL C 178 -1.49 -26.64 -14.48
C VAL C 178 -1.07 -28.13 -14.54
N LEU C 179 0.08 -28.41 -15.14
CA LEU C 179 0.59 -29.78 -15.28
C LEU C 179 1.07 -30.45 -13.98
N GLN C 180 1.53 -29.65 -13.03
CA GLN C 180 2.02 -30.13 -11.72
C GLN C 180 1.09 -29.65 -10.63
N SER D 2 41.93 37.62 -44.96
CA SER D 2 41.10 37.18 -43.79
C SER D 2 41.53 35.79 -43.30
N HIS D 3 41.04 35.41 -42.12
CA HIS D 3 41.20 34.05 -41.57
C HIS D 3 40.04 33.75 -40.63
N MET D 4 39.92 32.47 -40.23
CA MET D 4 38.97 32.10 -39.20
C MET D 4 39.62 31.89 -37.80
N SER D 5 38.99 32.44 -36.78
CA SER D 5 39.35 32.11 -35.41
C SER D 5 38.08 32.10 -34.55
N VAL D 6 38.27 32.04 -33.24
CA VAL D 6 37.17 32.13 -32.31
C VAL D 6 37.38 33.43 -31.55
N SER D 7 36.37 34.31 -31.60
CA SER D 7 36.42 35.54 -30.80
C SER D 7 35.35 35.54 -29.69
N LYS D 8 34.42 34.57 -29.76
CA LYS D 8 33.29 34.51 -28.84
C LYS D 8 33.38 33.30 -27.91
N PHE D 9 33.44 33.57 -26.62
CA PHE D 9 33.52 32.55 -25.59
C PHE D 9 32.24 32.63 -24.76
N ILE D 10 31.58 31.48 -24.63
CA ILE D 10 30.27 31.41 -24.01
C ILE D 10 30.35 30.42 -22.84
N LYS D 11 30.00 30.92 -21.65
CA LYS D 11 29.88 30.13 -20.44
C LYS D 11 28.44 29.71 -20.19
N CYS D 12 28.22 28.41 -20.25
CA CYS D 12 26.91 27.83 -20.05
C CYS D 12 26.92 26.97 -18.79
N VAL D 13 26.07 27.31 -17.84
CA VAL D 13 25.98 26.58 -16.58
C VAL D 13 24.70 25.76 -16.57
N THR D 14 24.81 24.46 -16.31
CA THR D 14 23.63 23.59 -16.14
C THR D 14 23.27 23.39 -14.65
N VAL D 15 22.02 23.74 -14.33
CA VAL D 15 21.47 23.67 -12.97
C VAL D 15 20.11 22.95 -12.90
N GLY D 16 19.66 22.64 -11.69
CA GLY D 16 18.45 21.82 -11.50
C GLY D 16 18.60 20.74 -10.45
N ASP D 17 17.47 20.21 -10.01
CA ASP D 17 17.44 19.20 -8.93
C ASP D 17 18.34 18.02 -9.22
N GLY D 18 18.77 17.33 -8.14
CA GLY D 18 19.55 16.11 -8.23
C GLY D 18 18.79 15.06 -9.04
N ALA D 19 19.53 14.35 -9.85
CA ALA D 19 18.99 13.20 -10.58
C ALA D 19 17.93 13.49 -11.66
N VAL D 20 17.90 14.72 -12.14
CA VAL D 20 16.98 15.01 -13.27
C VAL D 20 17.63 14.68 -14.60
N GLY D 21 18.96 14.56 -14.60
CA GLY D 21 19.69 14.13 -15.85
C GLY D 21 20.62 15.18 -16.46
N LYS D 22 21.12 16.08 -15.62
CA LYS D 22 22.01 17.17 -16.06
C LYS D 22 23.32 16.59 -16.60
N THR D 23 23.96 15.72 -15.82
CA THR D 23 25.23 15.12 -16.25
C THR D 23 25.06 14.28 -17.55
N CYS D 24 24.03 13.44 -17.63
CA CYS D 24 23.82 12.66 -18.85
C CYS D 24 23.59 13.56 -20.09
N MET D 25 22.91 14.69 -19.90
CA MET D 25 22.73 15.65 -21.02
C MET D 25 24.08 16.13 -21.56
N LEU D 26 24.99 16.44 -20.65
CA LEU D 26 26.27 16.99 -21.00
C LEU D 26 27.13 15.91 -21.64
N ILE D 27 27.07 14.70 -21.05
CA ILE D 27 27.81 13.57 -21.61
C ILE D 27 27.29 13.24 -23.00
N CYS D 28 25.97 13.29 -23.16
CA CYS D 28 25.31 12.99 -24.46
C CYS D 28 25.72 14.00 -25.55
N TYR D 29 25.57 15.28 -25.24
CA TYR D 29 25.97 16.37 -26.14
C TYR D 29 27.44 16.25 -26.60
N THR D 30 28.34 16.08 -25.64
CA THR D 30 29.77 16.11 -25.91
C THR D 30 30.28 14.83 -26.55
N SER D 31 29.60 13.71 -26.30
CA SER D 31 30.16 12.42 -26.65
C SER D 31 29.31 11.55 -27.56
N ASN D 32 28.05 11.95 -27.76
CA ASN D 32 27.06 11.17 -28.52
C ASN D 32 26.84 9.74 -28.01
N LYS D 33 27.11 9.54 -26.72
CA LYS D 33 26.80 8.31 -26.00
C LYS D 33 26.04 8.62 -24.70
N PHE D 34 25.10 7.76 -24.38
CA PHE D 34 24.43 7.72 -23.09
C PHE D 34 25.20 6.74 -22.22
N PRO D 35 25.63 7.18 -21.03
CA PRO D 35 26.45 6.35 -20.15
C PRO D 35 25.64 5.21 -19.55
N THR D 36 26.20 3.99 -19.63
CA THR D 36 25.53 2.74 -19.25
C THR D 36 26.01 2.13 -17.91
N ASP D 37 27.24 2.45 -17.51
CA ASP D 37 27.70 2.04 -16.18
C ASP D 37 27.82 3.25 -15.24
N TYR D 38 29.06 3.69 -14.96
CA TYR D 38 29.34 4.83 -14.10
C TYR D 38 28.85 6.17 -14.69
N ILE D 39 28.19 6.94 -13.86
CA ILE D 39 27.87 8.33 -14.17
C ILE D 39 28.44 9.14 -13.04
N PRO D 40 29.32 10.11 -13.36
CA PRO D 40 29.88 10.94 -12.28
C PRO D 40 28.83 11.92 -11.74
N THR D 41 28.99 12.36 -10.49
CA THR D 41 28.15 13.43 -9.93
C THR D 41 28.16 14.63 -10.90
N VAL D 42 29.36 15.06 -11.29
CA VAL D 42 29.48 16.23 -12.18
C VAL D 42 30.39 15.89 -13.33
N PHE D 43 29.97 16.34 -14.49
CA PHE D 43 30.73 16.23 -15.72
C PHE D 43 32.00 17.08 -15.55
N ASP D 44 33.12 16.59 -16.07
CA ASP D 44 34.36 17.37 -16.07
C ASP D 44 34.11 18.76 -16.68
N ASN D 45 34.83 19.77 -16.18
CA ASN D 45 34.83 21.09 -16.82
C ASN D 45 35.24 20.88 -18.27
N PHE D 46 34.45 21.45 -19.17
CA PHE D 46 34.55 21.19 -20.61
C PHE D 46 34.53 22.52 -21.33
N SER D 47 35.49 22.72 -22.23
CA SER D 47 35.62 23.94 -23.00
C SER D 47 36.03 23.43 -24.37
N ALA D 48 35.19 23.71 -25.38
CA ALA D 48 35.41 23.28 -26.75
C ALA D 48 34.73 24.18 -27.77
N ASN D 49 35.39 24.26 -28.92
CA ASN D 49 34.85 24.91 -30.13
C ASN D 49 33.63 24.19 -30.71
N VAL D 50 32.61 24.97 -31.02
CA VAL D 50 31.36 24.48 -31.50
C VAL D 50 30.92 25.35 -32.68
N ALA D 51 30.51 24.70 -33.78
CA ALA D 51 30.00 25.42 -34.95
C ALA D 51 28.50 25.69 -34.80
N VAL D 52 28.11 26.96 -34.81
CA VAL D 52 26.69 27.34 -34.69
C VAL D 52 26.41 28.37 -35.77
N ASP D 53 25.63 27.95 -36.77
CA ASP D 53 25.24 28.80 -37.89
C ASP D 53 26.37 29.69 -38.47
N GLY D 54 27.27 29.08 -39.25
CA GLY D 54 28.33 29.81 -39.94
C GLY D 54 29.26 30.56 -38.99
N GLN D 55 29.73 29.86 -37.96
CA GLN D 55 30.34 30.53 -36.83
C GLN D 55 30.95 29.47 -35.92
N ILE D 56 32.13 29.73 -35.40
CA ILE D 56 32.71 28.85 -34.39
C ILE D 56 32.83 29.63 -33.08
N VAL D 57 32.15 29.16 -32.03
CA VAL D 57 32.27 29.78 -30.70
C VAL D 57 33.00 28.80 -29.79
N ASN D 58 33.57 29.32 -28.71
CA ASN D 58 34.08 28.46 -27.67
C ASN D 58 33.08 28.35 -26.52
N LEU D 59 32.56 27.15 -26.34
CA LEU D 59 31.53 26.92 -25.33
C LEU D 59 32.15 26.29 -24.08
N GLY D 60 32.06 26.98 -22.95
CA GLY D 60 32.44 26.39 -21.65
C GLY D 60 31.20 25.79 -20.97
N LEU D 61 31.23 24.48 -20.73
CA LEU D 61 30.08 23.79 -20.14
C LEU D 61 30.36 23.48 -18.70
N TRP D 62 29.59 24.09 -17.81
CA TRP D 62 29.71 23.83 -16.38
C TRP D 62 28.54 22.99 -15.89
N ASP D 63 28.84 21.81 -15.35
CA ASP D 63 27.86 21.01 -14.60
C ASP D 63 27.83 21.49 -13.14
N THR D 64 26.78 21.13 -12.42
CA THR D 64 26.66 21.45 -11.00
C THR D 64 26.13 20.32 -10.11
N ALA D 65 26.36 20.46 -8.81
CA ALA D 65 25.85 19.56 -7.79
C ALA D 65 25.25 20.38 -6.65
N GLY D 66 24.09 19.96 -6.15
CA GLY D 66 23.47 20.56 -4.98
C GLY D 66 24.43 20.55 -3.80
N GLN D 67 24.42 21.64 -3.03
CA GLN D 67 25.14 21.70 -1.76
C GLN D 67 24.17 22.29 -0.73
N GLU D 68 24.17 21.76 0.50
CA GLU D 68 23.33 22.32 1.56
C GLU D 68 24.08 23.48 2.21
N ASP D 69 23.67 24.72 1.88
CA ASP D 69 24.43 25.92 2.26
C ASP D 69 23.83 27.17 1.59
N TYR D 70 23.42 28.26 2.28
CA TYR D 70 23.10 28.51 3.72
C TYR D 70 23.43 29.97 4.07
N ARG D 74 27.22 33.33 -3.24
CA ARG D 74 27.10 33.05 -4.67
C ARG D 74 27.94 31.84 -5.05
N PRO D 75 27.30 30.78 -5.61
CA PRO D 75 28.14 29.69 -6.11
C PRO D 75 29.16 30.20 -7.14
N LEU D 76 30.44 29.92 -6.89
CA LEU D 76 31.51 30.34 -7.78
C LEU D 76 31.18 29.98 -9.22
N SER D 77 30.53 28.84 -9.39
CA SER D 77 30.24 28.32 -10.72
C SER D 77 29.33 29.25 -11.51
N TYR D 78 28.54 30.06 -10.81
CA TYR D 78 27.62 30.99 -11.44
C TYR D 78 28.31 32.22 -12.00
N ARG D 79 29.45 32.62 -11.42
CA ARG D 79 30.10 33.89 -11.85
C ARG D 79 30.39 33.93 -13.35
N GLY D 80 29.97 34.99 -14.02
CA GLY D 80 30.31 35.14 -15.44
C GLY D 80 29.54 34.21 -16.38
N ALA D 81 28.50 33.53 -15.85
CA ALA D 81 27.59 32.75 -16.72
C ALA D 81 26.94 33.65 -17.76
N ASP D 82 26.98 33.21 -19.01
CA ASP D 82 26.30 33.85 -20.14
C ASP D 82 24.91 33.31 -20.32
N ILE D 83 24.69 32.09 -19.83
CA ILE D 83 23.37 31.47 -19.96
C ILE D 83 23.26 30.30 -19.02
N PHE D 84 22.06 30.08 -18.46
CA PHE D 84 21.77 28.86 -17.68
C PHE D 84 20.92 27.91 -18.45
N VAL D 85 21.21 26.62 -18.32
CA VAL D 85 20.29 25.59 -18.76
C VAL D 85 19.67 25.10 -17.45
N LEU D 86 18.38 25.33 -17.30
CA LEU D 86 17.70 24.95 -16.10
C LEU D 86 16.83 23.74 -16.39
N ALA D 87 17.23 22.60 -15.82
CA ALA D 87 16.63 21.28 -16.10
C ALA D 87 15.68 20.83 -14.99
N PHE D 88 14.54 20.29 -15.40
CA PHE D 88 13.68 19.56 -14.47
C PHE D 88 13.24 18.27 -15.18
N SER D 89 12.85 17.27 -14.43
CA SER D 89 12.43 16.01 -15.03
C SER D 89 10.96 16.08 -15.50
N LEU D 90 10.71 15.67 -16.75
CA LEU D 90 9.35 15.57 -17.30
C LEU D 90 8.43 14.56 -16.59
N ILE D 91 9.00 13.71 -15.72
CA ILE D 91 8.21 12.75 -14.96
C ILE D 91 8.19 13.03 -13.45
N SER D 92 8.57 14.24 -13.06
CA SER D 92 8.57 14.63 -11.66
C SER D 92 7.89 15.98 -11.44
N LYS D 93 6.63 15.92 -10.97
CA LYS D 93 5.90 17.13 -10.56
C LYS D 93 6.73 17.89 -9.54
N ALA D 94 7.39 17.16 -8.64
CA ALA D 94 8.19 17.86 -7.61
C ALA D 94 9.35 18.67 -8.22
N SER D 95 10.05 18.09 -9.20
CA SER D 95 11.16 18.88 -9.84
C SER D 95 10.63 20.12 -10.55
N TYR D 96 9.48 20.00 -11.20
CA TYR D 96 8.74 21.13 -11.80
C TYR D 96 8.42 22.25 -10.80
N GLU D 97 7.79 21.87 -9.67
CA GLU D 97 7.49 22.79 -8.58
C GLU D 97 8.76 23.50 -8.02
N ASN D 98 9.87 22.76 -7.91
CA ASN D 98 11.14 23.29 -7.43
C ASN D 98 11.77 24.33 -8.35
N VAL D 99 11.41 24.27 -9.62
CA VAL D 99 11.82 25.35 -10.53
C VAL D 99 11.34 26.71 -9.97
N LEU D 100 10.07 26.78 -9.57
CA LEU D 100 9.55 27.99 -8.97
C LEU D 100 10.05 28.20 -7.51
N LYS D 101 10.07 27.12 -6.70
CA LYS D 101 10.37 27.23 -5.26
C LYS D 101 11.83 27.47 -4.92
N LYS D 102 12.71 26.86 -5.71
CA LYS D 102 14.14 26.87 -5.45
C LYS D 102 14.90 27.63 -6.53
N TRP D 103 14.73 27.26 -7.80
CA TRP D 103 15.65 27.72 -8.86
C TRP D 103 15.45 29.18 -9.29
N MET D 104 14.21 29.57 -9.53
CA MET D 104 13.86 30.98 -9.87
C MET D 104 14.38 31.96 -8.79
N PRO D 105 14.12 31.68 -7.49
CA PRO D 105 14.72 32.45 -6.40
C PRO D 105 16.25 32.50 -6.41
N GLU D 106 16.88 31.35 -6.57
CA GLU D 106 18.35 31.28 -6.55
C GLU D 106 19.01 32.05 -7.69
N LEU D 107 18.48 31.89 -8.90
CA LEU D 107 18.99 32.57 -10.10
C LEU D 107 18.63 34.06 -10.13
N ARG D 108 17.48 34.44 -9.58
CA ARG D 108 17.14 35.84 -9.42
C ARG D 108 18.09 36.53 -8.44
N ARG D 109 18.47 35.80 -7.40
CA ARG D 109 19.38 36.29 -6.36
C ARG D 109 20.85 36.41 -6.82
N PHE D 110 21.34 35.38 -7.50
CA PHE D 110 22.78 35.30 -7.82
C PHE D 110 23.11 35.59 -9.27
N ALA D 111 22.10 35.77 -10.11
CA ALA D 111 22.32 35.99 -11.55
C ALA D 111 21.10 36.60 -12.26
N PRO D 112 20.63 37.77 -11.79
CA PRO D 112 19.48 38.32 -12.48
C PRO D 112 19.99 38.83 -13.81
N ASN D 113 19.16 38.88 -14.83
CA ASN D 113 19.62 39.33 -16.15
C ASN D 113 20.39 38.26 -16.97
N VAL D 114 20.74 37.10 -16.40
CA VAL D 114 21.35 36.02 -17.23
C VAL D 114 20.18 35.25 -17.81
N PRO D 115 20.15 35.03 -19.15
CA PRO D 115 19.04 34.26 -19.73
C PRO D 115 19.01 32.79 -19.32
N ILE D 116 17.86 32.17 -19.54
CA ILE D 116 17.68 30.78 -19.13
C ILE D 116 17.04 30.05 -20.28
N VAL D 117 17.55 28.86 -20.52
CA VAL D 117 16.84 27.91 -21.38
C VAL D 117 16.26 26.81 -20.46
N LEU D 118 14.94 26.67 -20.47
CA LEU D 118 14.29 25.71 -19.61
C LEU D 118 14.23 24.36 -20.32
N VAL D 119 14.68 23.30 -19.63
CA VAL D 119 14.73 21.96 -20.26
C VAL D 119 14.03 20.87 -19.46
N GLY D 120 13.09 20.20 -20.13
CA GLY D 120 12.34 19.09 -19.52
C GLY D 120 13.12 17.88 -19.98
N THR D 121 13.62 17.08 -19.02
CA THR D 121 14.46 15.91 -19.32
C THR D 121 13.66 14.63 -19.29
N LYS D 122 14.27 13.52 -19.70
CA LYS D 122 13.62 12.19 -19.69
C LYS D 122 12.39 12.06 -20.56
N LEU D 123 12.39 12.78 -21.68
CA LEU D 123 11.30 12.73 -22.68
C LEU D 123 10.96 11.29 -23.08
N ASP D 124 11.96 10.41 -23.10
CA ASP D 124 11.71 8.99 -23.44
C ASP D 124 10.75 8.31 -22.45
N LEU D 125 10.68 8.84 -21.21
CA LEU D 125 9.79 8.33 -20.18
C LEU D 125 8.42 9.00 -20.29
N ARG D 126 8.40 10.32 -20.37
CA ARG D 126 7.16 11.06 -20.39
C ARG D 126 6.29 10.64 -21.56
N ASP D 127 6.91 10.43 -22.72
CA ASP D 127 6.20 10.02 -23.98
C ASP D 127 6.00 8.50 -24.13
N ASP D 128 6.54 7.71 -23.18
CA ASP D 128 6.27 6.29 -23.23
C ASP D 128 4.78 6.01 -22.99
N LYS D 129 4.14 5.29 -23.92
CA LYS D 129 2.71 5.05 -23.78
C LYS D 129 2.33 4.21 -22.54
N GLY D 130 3.20 3.28 -22.12
CA GLY D 130 2.98 2.54 -20.85
C GLY D 130 2.97 3.44 -19.63
N TYR D 131 3.88 4.43 -19.63
CA TYR D 131 3.89 5.40 -18.52
C TYR D 131 2.62 6.24 -18.56
N LEU D 132 2.26 6.71 -19.74
CA LEU D 132 1.11 7.60 -19.93
C LEU D 132 -0.19 6.87 -19.63
N ALA D 133 -0.22 5.55 -19.89
CA ALA D 133 -1.44 4.76 -19.64
C ALA D 133 -1.78 4.59 -18.16
N ASP D 134 -0.75 4.60 -17.31
CA ASP D 134 -0.88 4.44 -15.87
C ASP D 134 -0.99 5.75 -15.10
N HIS D 135 -0.70 6.88 -15.77
CA HIS D 135 -0.63 8.19 -15.11
C HIS D 135 -1.47 9.24 -15.86
N THR D 136 -2.33 9.96 -15.12
CA THR D 136 -3.17 10.99 -15.74
C THR D 136 -2.77 12.41 -15.37
N ASN D 137 -2.05 12.54 -14.27
CA ASN D 137 -1.62 13.86 -13.80
C ASN D 137 -0.17 13.96 -14.27
N VAL D 138 0.02 14.30 -15.55
CA VAL D 138 1.37 14.33 -16.16
C VAL D 138 1.79 15.72 -16.64
N ILE D 139 3.11 15.94 -16.68
CA ILE D 139 3.70 17.19 -17.21
C ILE D 139 3.72 17.18 -18.73
N THR D 140 2.88 18.04 -19.29
CA THR D 140 2.73 18.13 -20.73
C THR D 140 3.62 19.25 -21.25
N SER D 141 3.87 19.25 -22.55
CA SER D 141 4.55 20.36 -23.20
C SER D 141 3.89 21.70 -22.86
N THR D 142 2.53 21.71 -22.75
CA THR D 142 1.77 22.90 -22.35
C THR D 142 2.18 23.44 -20.99
N GLN D 143 2.36 22.54 -20.03
CA GLN D 143 2.70 22.98 -18.66
C GLN D 143 4.15 23.45 -18.67
N GLY D 144 5.00 22.79 -19.44
CA GLY D 144 6.39 23.21 -19.52
C GLY D 144 6.52 24.60 -20.15
N GLU D 145 5.69 24.89 -21.14
CA GLU D 145 5.73 26.20 -21.77
C GLU D 145 5.16 27.25 -20.83
N GLU D 146 4.16 26.89 -20.02
CA GLU D 146 3.59 27.80 -19.02
C GLU D 146 4.66 28.09 -17.98
N LEU D 147 5.44 27.08 -17.61
CA LEU D 147 6.55 27.30 -16.66
C LEU D 147 7.60 28.25 -17.22
N ARG D 148 7.97 28.00 -18.48
CA ARG D 148 8.91 28.90 -19.19
C ARG D 148 8.42 30.35 -19.13
N LYS D 149 7.17 30.57 -19.51
CA LYS D 149 6.54 31.91 -19.38
C LYS D 149 6.64 32.48 -17.97
N GLN D 150 6.34 31.68 -16.95
CA GLN D 150 6.30 32.18 -15.56
C GLN D 150 7.68 32.60 -15.06
N ILE D 151 8.72 31.89 -15.49
CA ILE D 151 10.08 32.23 -15.04
C ILE D 151 10.81 33.22 -15.96
N GLY D 152 10.27 33.44 -17.16
CA GLY D 152 10.85 34.41 -18.07
C GLY D 152 12.02 33.77 -18.81
N ALA D 153 11.98 32.44 -18.95
CA ALA D 153 13.04 31.76 -19.73
C ALA D 153 12.85 32.02 -21.22
N ALA D 154 13.97 31.99 -21.95
CA ALA D 154 14.04 32.39 -23.37
C ALA D 154 13.45 31.35 -24.27
N ALA D 155 13.58 30.08 -23.85
CA ALA D 155 13.15 28.95 -24.67
C ALA D 155 12.80 27.75 -23.77
N TYR D 156 12.06 26.79 -24.32
CA TYR D 156 11.71 25.55 -23.62
C TYR D 156 12.00 24.42 -24.57
N ILE D 157 12.76 23.41 -24.09
CA ILE D 157 13.06 22.25 -24.91
C ILE D 157 12.85 20.99 -24.07
N GLU D 158 12.23 19.99 -24.68
CA GLU D 158 12.11 18.63 -24.09
C GLU D 158 13.14 17.70 -24.75
N CYS D 159 13.94 17.00 -23.95
CA CYS D 159 14.96 16.13 -24.53
C CYS D 159 15.09 14.84 -23.74
N SER D 160 15.79 13.91 -24.36
CA SER D 160 16.15 12.62 -23.76
C SER D 160 17.60 12.34 -24.06
N SER D 161 18.44 12.29 -23.03
CA SER D 161 19.81 11.83 -23.22
C SER D 161 19.86 10.39 -23.67
N LYS D 162 18.88 9.57 -23.28
CA LYS D 162 18.83 8.15 -23.58
C LYS D 162 18.64 7.85 -25.05
N THR D 163 17.73 8.55 -25.72
CA THR D 163 17.56 8.39 -27.15
C THR D 163 18.32 9.46 -27.97
N GLN D 164 18.85 10.45 -27.27
CA GLN D 164 19.52 11.64 -27.86
C GLN D 164 18.59 12.72 -28.43
N GLN D 165 17.29 12.49 -28.36
CA GLN D 165 16.32 13.42 -28.94
C GLN D 165 16.42 14.82 -28.37
N ASN D 166 16.68 15.82 -29.24
CA ASN D 166 16.73 17.26 -28.88
C ASN D 166 17.89 17.70 -27.99
N VAL D 167 18.83 16.80 -27.70
CA VAL D 167 19.92 17.19 -26.81
C VAL D 167 20.82 18.23 -27.50
N LYS D 168 21.18 17.98 -28.73
CA LYS D 168 21.96 18.99 -29.46
C LYS D 168 21.20 20.33 -29.46
N ALA D 169 19.87 20.28 -29.64
CA ALA D 169 19.05 21.52 -29.64
C ALA D 169 19.10 22.35 -28.34
N VAL D 170 19.27 21.69 -27.19
CA VAL D 170 19.43 22.42 -25.91
C VAL D 170 20.59 23.38 -26.00
N PHE D 171 21.74 22.86 -26.41
CA PHE D 171 22.98 23.64 -26.38
C PHE D 171 23.17 24.56 -27.58
N ASP D 172 22.66 24.14 -28.74
CA ASP D 172 22.54 25.03 -29.90
C ASP D 172 21.68 26.24 -29.53
N THR D 173 20.56 25.99 -28.84
CA THR D 173 19.64 27.07 -28.45
C THR D 173 20.31 27.98 -27.40
N ALA D 174 20.94 27.39 -26.39
CA ALA D 174 21.70 28.19 -25.40
C ALA D 174 22.65 29.15 -26.11
N ILE D 175 23.41 28.64 -27.08
CA ILE D 175 24.40 29.46 -27.80
C ILE D 175 23.73 30.56 -28.62
N LYS D 176 22.69 30.19 -29.38
CA LYS D 176 21.88 31.17 -30.16
C LYS D 176 21.22 32.29 -29.33
N VAL D 177 20.72 31.94 -28.14
CA VAL D 177 20.16 32.98 -27.23
C VAL D 177 21.23 34.01 -26.90
N VAL D 178 22.45 33.53 -26.63
CA VAL D 178 23.60 34.42 -26.28
C VAL D 178 24.02 35.30 -27.49
N LEU D 179 24.02 34.71 -28.69
CA LEU D 179 24.57 35.39 -29.86
C LEU D 179 23.58 36.39 -30.50
N GLN D 180 22.30 36.08 -30.40
CA GLN D 180 21.27 36.90 -31.05
C GLN D 180 20.90 38.14 -30.20
N PRO D 181 20.31 39.18 -30.82
CA PRO D 181 19.92 40.36 -30.04
C PRO D 181 19.04 40.01 -28.82
N PRO D 182 19.20 40.76 -27.70
CA PRO D 182 18.37 40.46 -26.52
C PRO D 182 16.93 40.98 -26.65
PB GDP E . -15.49 -21.92 19.89
O1B GDP E . -16.16 -21.77 18.55
O2B GDP E . -14.25 -22.78 19.79
O3B GDP E . -16.32 -22.53 20.92
O3A GDP E . -15.05 -20.44 20.38
PA GDP E . -15.05 -19.85 21.85
O1A GDP E . -16.40 -19.49 22.25
O2A GDP E . -14.31 -20.77 22.79
O5' GDP E . -14.22 -18.43 21.64
C5' GDP E . -12.92 -18.49 21.03
C4' GDP E . -12.15 -17.20 21.34
O4' GDP E . -12.89 -16.12 20.75
C3' GDP E . -12.07 -16.92 22.85
O3' GDP E . -10.83 -16.28 23.26
C2' GDP E . -13.24 -16.00 23.09
O2' GDP E . -12.95 -15.10 24.15
C1' GDP E . -13.26 -15.22 21.80
N9 GDP E . -14.56 -14.68 21.44
C8 GDP E . -15.73 -15.41 21.36
N7 GDP E . -16.74 -14.60 20.97
C5 GDP E . -16.24 -13.33 20.81
C6 GDP E . -16.78 -12.00 20.41
O6 GDP E . -18.00 -11.81 20.13
N1 GDP E . -15.92 -10.98 20.30
C2 GDP E . -14.59 -11.11 20.63
N2 GDP E . -13.76 -10.04 20.50
N3 GDP E . -14.04 -12.27 21.02
C4 GDP E . -14.80 -13.41 21.12
MG MG F . -16.36 -24.23 22.14
PB GDP G . -3.27 7.81 11.09
O1B GDP G . -2.03 7.11 11.56
O2B GDP G . -3.62 7.78 9.64
O3B GDP G . -3.34 9.22 11.58
O3A GDP G . -4.41 6.93 11.86
PA GDP G . -5.73 7.51 12.59
O1A GDP G . -5.43 8.01 13.93
O2A GDP G . -6.48 8.43 11.67
O5' GDP G . -6.55 6.18 12.87
C5' GDP G . -6.82 5.32 11.77
C4' GDP G . -7.99 4.38 12.11
O4' GDP G . -7.60 3.46 13.16
C3' GDP G . -9.23 5.14 12.53
O3' GDP G . -10.43 4.52 12.00
C2' GDP G . -9.24 5.03 14.04
O2' GDP G . -10.55 5.05 14.64
C1' GDP G . -8.50 3.72 14.28
N9 GDP G . -7.71 3.69 15.50
C8 GDP G . -6.74 4.58 15.86
N7 GDP G . -6.20 4.18 17.02
C5 GDP G . -6.79 3.03 17.45
C6 GDP G . -6.67 2.08 18.60
O6 GDP G . -5.84 2.27 19.55
N1 GDP G . -7.47 0.97 18.59
C2 GDP G . -8.37 0.71 17.60
N2 GDP G . -9.16 -0.41 17.66
N3 GDP G . -8.53 1.57 16.55
C4 GDP G . -7.78 2.69 16.42
MG MG H . -3.53 11.01 10.74
PB GDP I . -4.36 -3.77 -21.18
O1B GDP I . -4.04 -4.42 -19.87
O2B GDP I . -5.45 -2.73 -21.13
O3B GDP I . -4.76 -4.69 -22.31
O3A GDP I . -3.04 -2.98 -21.63
PA GDP I . -2.41 -2.76 -23.09
O1A GDP I . -1.73 -4.02 -23.56
O2A GDP I . -3.43 -2.15 -24.01
O5' GDP I . -1.28 -1.63 -22.79
C5' GDP I . -1.59 -0.33 -22.33
C4' GDP I . -0.45 0.64 -22.63
O4' GDP I . 0.75 0.19 -21.98
C3' GDP I . -0.16 0.75 -24.12
O3' GDP I . 0.02 2.11 -24.50
C2' GDP I . 1.08 -0.06 -24.32
O2' GDP I . 1.90 0.49 -25.36
C1' GDP I . 1.76 0.02 -22.95
N9 GDP I . 2.57 -1.15 -22.58
C8 GDP I . 2.18 -2.44 -22.54
N7 GDP I . 3.19 -3.23 -22.12
C5 GDP I . 4.27 -2.45 -21.87
C6 GDP I . 5.67 -2.68 -21.45
O6 GDP I . 6.10 -3.83 -21.17
N1 GDP I . 6.45 -1.61 -21.33
C2 GDP I . 6.01 -0.33 -21.63
N2 GDP I . 6.90 0.68 -21.48
N3 GDP I . 4.74 -0.06 -22.06
C4 GDP I . 3.86 -1.07 -22.19
MG MG J . -6.34 -5.10 -23.47
PB GDP K . 21.94 14.67 -12.47
O1B GDP K . 20.94 15.71 -12.84
O2B GDP K . 22.01 14.36 -10.98
O3B GDP K . 23.32 15.04 -12.98
O3A GDP K . 21.44 13.33 -13.22
PA GDP K . 22.21 12.19 -14.03
O1A GDP K . 22.72 12.66 -15.33
O2A GDP K . 23.26 11.64 -13.11
O5' GDP K . 21.00 11.14 -14.25
C5' GDP K . 20.35 10.60 -13.09
C4' GDP K . 19.68 9.27 -13.44
O4' GDP K . 18.70 9.47 -14.48
C3' GDP K . 20.69 8.25 -13.97
O3' GDP K . 20.27 6.97 -13.53
C2' GDP K . 20.53 8.30 -15.48
O2' GDP K . 20.81 7.00 -16.02
C1' GDP K . 19.04 8.65 -15.59
N9 GDP K . 18.79 9.47 -16.77
C8 GDP K . 19.41 10.62 -17.10
N7 GDP K . 18.93 11.05 -18.31
C5 GDP K . 17.94 10.20 -18.70
C6 GDP K . 17.02 10.10 -19.86
O6 GDP K . 17.01 10.92 -20.80
N1 GDP K . 16.21 9.05 -19.90
C2 GDP K . 16.16 8.10 -18.93
N2 GDP K . 15.25 7.10 -19.13
N3 GDP K . 16.99 8.10 -17.84
C4 GDP K . 17.87 9.13 -17.69
MG MG L . 25.17 15.13 -12.16
#